data_4I9I
#
_entry.id   4I9I
#
_cell.length_a   158.622
_cell.length_b   77.122
_cell.length_c   84.507
_cell.angle_alpha   90.00
_cell.angle_beta   90.00
_cell.angle_gamma   90.00
#
_symmetry.space_group_name_H-M   'P 21 21 2'
#
loop_
_entity.id
_entity.type
_entity.pdbx_description
1 polymer Tankyrase-1
2 non-polymer 'ZINC ION'
3 non-polymer N-(2-methoxyphenyl)-4-{[3-(4-oxo-3,4-dihydroquinazolin-2-yl)propanoyl]amino}benzamide
4 water water
#
_entity_poly.entity_id   1
_entity_poly.type   'polypeptide(L)'
_entity_poly.pdbx_seq_one_letter_code
;QGTILLDLAPEDKEYQSVEEEMQSTIREHRDGGNAGGIFNRYNVIRIQKVVNKKLRERFCHRQKEVSEENHNHHNERMLF
HGSPFINAIIHKGFDERHAYIGGMFGAGIYFAENSSKSNQYVYGIGGGTGCPTHKDRSCYICHRQMLFCRVTLGKSFLQF
STMKMAHAPPGHHSVIGRPSVNGLAYAEYVIYRGEQAYPEYLITYQIMKPEHHHHHH
;
_entity_poly.pdbx_strand_id   A,B,C,D
#
loop_
_chem_comp.id
_chem_comp.type
_chem_comp.name
_chem_comp.formula
1DY non-polymer N-(2-methoxyphenyl)-4-{[3-(4-oxo-3,4-dihydroquinazolin-2-yl)propanoyl]amino}benzamide 'C25 H22 N4 O4'
ZN non-polymer 'ZINC ION' 'Zn 2'
#
# COMPACT_ATOMS: atom_id res chain seq x y z
N GLN A 1 27.30 -5.31 -16.81
CA GLN A 1 27.62 -3.86 -16.79
C GLN A 1 27.75 -3.37 -15.35
N GLY A 2 26.76 -3.70 -14.53
CA GLY A 2 26.81 -3.26 -13.15
C GLY A 2 27.21 -4.39 -12.23
N THR A 3 26.87 -4.21 -10.97
CA THR A 3 27.19 -5.17 -9.95
C THR A 3 26.25 -6.37 -9.99
N ILE A 4 26.81 -7.56 -9.92
CA ILE A 4 26.02 -8.78 -9.87
C ILE A 4 26.14 -9.26 -8.42
N LEU A 5 25.04 -9.74 -7.86
CA LEU A 5 25.05 -10.25 -6.50
C LEU A 5 24.77 -11.74 -6.58
N LEU A 6 25.72 -12.54 -6.14
CA LEU A 6 25.55 -13.99 -6.16
C LEU A 6 25.21 -14.51 -4.78
N ASP A 7 24.07 -15.20 -4.68
CA ASP A 7 23.62 -15.79 -3.44
C ASP A 7 24.53 -16.92 -3.02
N LEU A 8 24.85 -17.02 -1.74
CA LEU A 8 25.69 -18.11 -1.30
C LEU A 8 24.88 -19.14 -0.51
N ALA A 9 25.06 -20.41 -0.83
CA ALA A 9 24.33 -21.46 -0.12
C ALA A 9 24.89 -21.66 1.29
N PRO A 10 24.04 -21.57 2.32
CA PRO A 10 24.51 -21.75 3.70
C PRO A 10 25.20 -23.11 3.92
N GLU A 11 25.10 -23.99 2.92
CA GLU A 11 25.72 -25.30 2.98
C GLU A 11 27.12 -25.28 2.34
N ASP A 12 27.52 -24.12 1.82
CA ASP A 12 28.84 -23.96 1.20
C ASP A 12 29.89 -23.35 2.15
N LYS A 13 31.11 -23.88 2.06
CA LYS A 13 32.21 -23.42 2.89
C LYS A 13 32.34 -21.89 2.93
N GLU A 14 32.28 -21.26 1.77
CA GLU A 14 32.44 -19.81 1.70
C GLU A 14 31.42 -19.08 2.56
N TYR A 15 30.16 -19.49 2.51
CA TYR A 15 29.14 -18.85 3.33
C TYR A 15 29.54 -19.07 4.79
N GLN A 16 29.85 -20.32 5.11
CA GLN A 16 30.23 -20.71 6.46
C GLN A 16 31.44 -19.95 7.01
N SER A 17 32.44 -19.74 6.16
CA SER A 17 33.63 -19.03 6.55
C SER A 17 33.25 -17.62 6.95
N VAL A 18 32.52 -16.94 6.07
CA VAL A 18 32.09 -15.56 6.33
C VAL A 18 31.29 -15.44 7.63
N GLU A 19 30.23 -16.22 7.75
CA GLU A 19 29.41 -16.14 8.96
C GLU A 19 30.21 -16.32 10.25
N GLU A 20 31.12 -17.29 10.29
CA GLU A 20 31.88 -17.52 11.52
C GLU A 20 32.76 -16.35 11.85
N GLU A 21 33.41 -15.79 10.84
CA GLU A 21 34.26 -14.65 11.04
C GLU A 21 33.44 -13.47 11.58
N MET A 22 32.16 -13.44 11.24
CA MET A 22 31.27 -12.37 11.69
C MET A 22 30.70 -12.65 13.08
N GLN A 23 30.32 -13.90 13.33
CA GLN A 23 29.78 -14.28 14.62
C GLN A 23 30.87 -14.36 15.70
N SER A 24 32.03 -14.89 15.35
CA SER A 24 33.07 -15.03 16.36
C SER A 24 33.91 -13.80 16.68
N THR A 25 33.68 -12.68 16.00
CA THR A 25 34.45 -11.47 16.31
C THR A 25 33.59 -10.45 17.06
N ILE A 26 32.54 -10.96 17.71
CA ILE A 26 31.66 -10.12 18.50
C ILE A 26 32.35 -9.83 19.85
N ARG A 27 32.31 -8.58 20.27
CA ARG A 27 32.93 -8.20 21.53
C ARG A 27 32.16 -7.10 22.26
N GLU A 28 32.27 -7.11 23.59
CA GLU A 28 31.57 -6.12 24.41
C GLU A 28 32.32 -4.79 24.32
N HIS A 29 31.62 -3.72 23.96
CA HIS A 29 32.24 -2.41 23.84
C HIS A 29 31.90 -1.53 25.04
N ARG A 30 32.87 -0.72 25.46
CA ARG A 30 32.70 0.19 26.61
C ARG A 30 31.40 0.98 26.54
N ASP A 31 30.74 0.86 25.39
CA ASP A 31 29.50 1.55 25.07
C ASP A 31 28.24 1.06 25.78
N GLY A 32 28.20 -0.23 26.09
CA GLY A 32 27.03 -0.78 26.74
C GLY A 32 26.00 -1.10 25.66
N GLY A 33 26.46 -1.01 24.41
CA GLY A 33 25.61 -1.32 23.29
C GLY A 33 24.68 -0.19 22.84
N ASN A 34 24.95 1.01 23.30
CA ASN A 34 24.16 2.18 22.95
C ASN A 34 24.27 2.55 21.47
N ALA A 35 25.45 2.35 20.90
CA ALA A 35 25.68 2.67 19.50
C ALA A 35 25.08 1.60 18.60
N GLY A 36 25.52 0.35 18.77
CA GLY A 36 25.02 -0.72 17.92
C GLY A 36 23.93 -1.61 18.49
N GLY A 37 23.68 -1.51 19.78
CA GLY A 37 22.64 -2.33 20.39
C GLY A 37 23.21 -3.43 21.26
N ILE A 38 22.38 -3.95 22.16
CA ILE A 38 22.79 -5.00 23.08
C ILE A 38 22.59 -6.38 22.44
N PHE A 39 23.69 -7.15 22.33
CA PHE A 39 23.63 -8.47 21.70
C PHE A 39 24.94 -9.25 21.76
N ASN A 40 24.85 -10.57 21.56
CA ASN A 40 26.05 -11.41 21.58
C ASN A 40 26.04 -12.48 20.48
N ARG A 41 25.06 -12.35 19.57
CA ARG A 41 24.86 -13.25 18.43
C ARG A 41 24.11 -12.50 17.34
N TYR A 42 24.32 -12.89 16.08
CA TYR A 42 23.58 -12.27 14.98
C TYR A 42 22.75 -13.37 14.32
N ASN A 43 21.71 -12.96 13.59
CA ASN A 43 20.91 -13.90 12.82
C ASN A 43 21.20 -13.53 11.38
N VAL A 44 22.05 -14.31 10.73
CA VAL A 44 22.42 -14.04 9.35
C VAL A 44 21.30 -14.41 8.42
N ILE A 45 20.75 -13.41 7.74
CA ILE A 45 19.65 -13.64 6.83
C ILE A 45 20.15 -14.00 5.45
N ARG A 46 21.29 -13.44 5.04
CA ARG A 46 21.82 -13.76 3.73
C ARG A 46 23.15 -13.11 3.40
N ILE A 47 23.95 -13.81 2.60
CA ILE A 47 25.27 -13.35 2.22
C ILE A 47 25.41 -13.41 0.71
N GLN A 48 25.65 -12.27 0.08
CA GLN A 48 25.80 -12.21 -1.35
C GLN A 48 27.18 -11.73 -1.75
N LYS A 49 27.74 -12.38 -2.75
CA LYS A 49 29.06 -12.06 -3.26
C LYS A 49 28.88 -10.91 -4.27
N VAL A 50 29.64 -9.83 -4.09
CA VAL A 50 29.55 -8.67 -4.99
C VAL A 50 30.48 -8.84 -6.18
N VAL A 51 29.94 -8.74 -7.39
CA VAL A 51 30.76 -8.89 -8.59
C VAL A 51 30.63 -7.69 -9.52
N ASN A 52 31.73 -6.98 -9.73
CA ASN A 52 31.75 -5.80 -10.60
C ASN A 52 33.05 -5.74 -11.38
N LYS A 53 32.96 -5.96 -12.67
CA LYS A 53 34.12 -5.97 -13.53
C LYS A 53 35.02 -4.75 -13.28
N LYS A 54 34.42 -3.57 -13.35
CA LYS A 54 35.14 -2.33 -13.15
C LYS A 54 35.71 -2.17 -11.76
N LEU A 55 34.92 -2.47 -10.73
CA LEU A 55 35.44 -2.35 -9.38
C LEU A 55 36.65 -3.23 -9.23
N ARG A 56 36.57 -4.45 -9.72
CA ARG A 56 37.67 -5.38 -9.59
C ARG A 56 38.95 -4.88 -10.25
N GLU A 57 38.81 -4.25 -11.41
CA GLU A 57 39.96 -3.74 -12.15
C GLU A 57 40.67 -2.59 -11.43
N ARG A 58 39.90 -1.61 -10.94
CA ARG A 58 40.53 -0.49 -10.23
C ARG A 58 41.18 -1.02 -8.97
N PHE A 59 40.58 -2.05 -8.37
CA PHE A 59 41.12 -2.62 -7.15
C PHE A 59 42.44 -3.36 -7.39
N CYS A 60 42.47 -4.21 -8.41
CA CYS A 60 43.66 -4.99 -8.73
C CYS A 60 44.79 -4.10 -9.22
N HIS A 61 44.47 -3.09 -10.02
CA HIS A 61 45.50 -2.18 -10.51
C HIS A 61 46.13 -1.46 -9.36
N ARG A 62 45.29 -0.98 -8.44
CA ARG A 62 45.81 -0.28 -7.29
C ARG A 62 46.66 -1.25 -6.52
N GLN A 63 46.31 -2.52 -6.62
CA GLN A 63 47.04 -3.51 -5.87
C GLN A 63 48.49 -3.70 -6.31
N LYS A 64 48.79 -3.68 -7.60
CA LYS A 64 50.20 -3.85 -7.85
C LYS A 64 50.99 -2.53 -7.80
N GLU A 65 50.28 -1.40 -7.83
CA GLU A 65 50.96 -0.10 -7.67
C GLU A 65 51.51 -0.21 -6.24
N VAL A 66 50.61 -0.49 -5.29
CA VAL A 66 50.98 -0.63 -3.88
C VAL A 66 52.15 -1.62 -3.71
N SER A 67 52.14 -2.69 -4.49
CA SER A 67 53.20 -3.72 -4.44
C SER A 67 54.55 -3.10 -4.82
N GLU A 68 54.59 -2.45 -5.98
CA GLU A 68 55.82 -1.81 -6.45
C GLU A 68 56.40 -1.02 -5.28
N GLU A 69 55.54 -0.25 -4.61
CA GLU A 69 55.98 0.58 -3.49
C GLU A 69 56.15 -0.12 -2.13
N ASN A 70 56.04 -1.45 -2.06
CA ASN A 70 56.15 -2.16 -0.78
C ASN A 70 56.83 -3.54 -0.88
N HIS A 71 57.87 -3.66 -1.70
CA HIS A 71 58.57 -4.93 -1.84
C HIS A 71 57.74 -6.06 -2.41
N ASN A 72 56.77 -5.71 -3.24
CA ASN A 72 55.89 -6.66 -3.90
C ASN A 72 55.03 -7.45 -2.94
N HIS A 73 54.51 -6.75 -1.94
CA HIS A 73 53.60 -7.33 -0.95
C HIS A 73 52.48 -6.32 -0.76
N HIS A 74 51.30 -6.63 -1.30
CA HIS A 74 50.19 -5.71 -1.17
C HIS A 74 49.60 -5.71 0.23
N ASN A 75 49.80 -6.80 0.96
CA ASN A 75 49.29 -6.88 2.30
C ASN A 75 47.77 -6.76 2.39
N GLU A 76 47.08 -7.65 1.67
CA GLU A 76 45.63 -7.70 1.65
C GLU A 76 45.11 -8.19 3.01
N ARG A 77 43.95 -7.68 3.41
CA ARG A 77 43.38 -8.11 4.65
C ARG A 77 41.87 -8.01 4.72
N MET A 78 41.22 -9.12 5.09
CA MET A 78 39.77 -9.17 5.20
C MET A 78 39.26 -8.44 6.44
N LEU A 79 38.57 -7.33 6.23
CA LEU A 79 38.02 -6.50 7.29
C LEU A 79 36.56 -6.12 7.05
N PHE A 80 35.82 -5.91 8.14
CA PHE A 80 34.42 -5.55 8.06
C PHE A 80 34.23 -4.03 7.90
N HIS A 81 33.16 -3.64 7.23
CA HIS A 81 32.85 -2.22 7.07
C HIS A 81 31.37 -1.95 7.26
N GLY A 82 31.04 -0.98 8.11
CA GLY A 82 29.66 -0.62 8.33
C GLY A 82 29.41 0.86 8.10
N SER A 83 28.34 1.18 7.36
CA SER A 83 27.95 2.57 7.07
C SER A 83 26.57 2.62 6.41
N PRO A 84 25.90 3.78 6.46
CA PRO A 84 24.57 3.92 5.86
C PRO A 84 24.63 4.05 4.34
N PHE A 85 25.77 3.73 3.75
CA PHE A 85 25.94 3.88 2.31
C PHE A 85 26.37 2.62 1.60
N ILE A 86 25.97 1.47 2.13
CA ILE A 86 26.37 0.21 1.52
C ILE A 86 25.84 0.02 0.10
N ASN A 87 24.56 0.30 -0.11
CA ASN A 87 24.01 0.09 -1.45
C ASN A 87 24.74 0.93 -2.50
N ALA A 88 25.27 2.08 -2.09
CA ALA A 88 26.00 2.93 -3.02
C ALA A 88 27.40 2.36 -3.24
N ILE A 89 27.98 1.80 -2.18
CA ILE A 89 29.31 1.23 -2.23
C ILE A 89 29.40 -0.01 -3.13
N ILE A 90 28.44 -0.91 -2.99
CA ILE A 90 28.46 -2.11 -3.80
C ILE A 90 28.25 -1.82 -5.28
N HIS A 91 27.74 -0.63 -5.63
CA HIS A 91 27.54 -0.29 -7.03
C HIS A 91 28.62 0.62 -7.64
N LYS A 92 29.10 1.56 -6.84
CA LYS A 92 30.11 2.50 -7.31
C LYS A 92 31.49 2.24 -6.72
N GLY A 93 31.54 1.39 -5.70
CA GLY A 93 32.79 1.08 -5.03
C GLY A 93 33.02 2.08 -3.92
N PHE A 94 34.07 1.89 -3.15
CA PHE A 94 34.38 2.83 -2.08
C PHE A 94 34.88 4.10 -2.76
N ASP A 95 34.60 5.26 -2.17
CA ASP A 95 35.03 6.54 -2.74
C ASP A 95 35.41 7.50 -1.61
N GLU A 96 36.71 7.79 -1.49
CA GLU A 96 37.20 8.68 -0.44
C GLU A 96 36.62 10.09 -0.49
N ARG A 97 35.91 10.40 -1.56
CA ARG A 97 35.30 11.72 -1.70
C ARG A 97 34.07 11.85 -0.82
N HIS A 98 33.49 10.73 -0.41
CA HIS A 98 32.35 10.74 0.50
C HIS A 98 32.88 10.20 1.82
N ALA A 99 34.14 10.47 2.13
CA ALA A 99 34.67 9.91 3.36
C ALA A 99 34.39 10.67 4.63
N TYR A 100 34.56 9.95 5.72
CA TYR A 100 34.37 10.47 7.07
C TYR A 100 35.54 11.41 7.46
N ILE A 101 35.24 12.72 7.60
CA ILE A 101 36.22 13.76 7.97
C ILE A 101 36.22 13.99 9.51
N GLY A 102 35.14 13.57 10.15
CA GLY A 102 35.08 13.71 11.60
C GLY A 102 35.69 12.52 12.30
N GLY A 103 36.47 11.72 11.57
CA GLY A 103 37.07 10.51 12.17
C GLY A 103 38.41 10.66 12.87
N MET A 104 38.76 9.69 13.71
CA MET A 104 40.01 9.67 14.49
C MET A 104 41.28 10.04 13.72
N PHE A 105 41.44 9.44 12.54
CA PHE A 105 42.64 9.63 11.73
C PHE A 105 42.34 10.37 10.43
N GLY A 106 41.32 11.23 10.49
CA GLY A 106 40.93 12.03 9.34
C GLY A 106 39.85 11.56 8.38
N ALA A 107 39.98 12.03 7.14
CA ALA A 107 39.10 11.75 6.01
C ALA A 107 39.46 10.43 5.30
N GLY A 108 39.22 9.32 5.97
CA GLY A 108 39.54 8.03 5.37
C GLY A 108 38.31 7.14 5.32
N ILE A 109 38.47 5.90 4.87
CA ILE A 109 37.40 4.92 4.82
C ILE A 109 37.83 3.98 5.94
N TYR A 110 36.96 3.79 6.92
CA TYR A 110 37.28 2.96 8.07
C TYR A 110 36.84 1.51 8.02
N PHE A 111 37.65 0.65 8.61
CA PHE A 111 37.39 -0.78 8.63
C PHE A 111 37.73 -1.33 10.01
N ALA A 112 37.29 -2.55 10.29
CA ALA A 112 37.55 -3.18 11.58
C ALA A 112 37.55 -4.68 11.40
N GLU A 113 38.40 -5.38 12.15
CA GLU A 113 38.44 -6.83 12.05
C GLU A 113 37.31 -7.39 12.93
N ASN A 114 36.71 -6.52 13.74
CA ASN A 114 35.57 -6.91 14.61
C ASN A 114 34.22 -6.44 14.04
N SER A 115 33.39 -7.38 13.60
CA SER A 115 32.06 -7.12 13.04
C SER A 115 31.22 -6.26 13.98
N SER A 116 31.34 -6.49 15.28
CA SER A 116 30.54 -5.69 16.19
C SER A 116 30.99 -4.23 16.16
N LYS A 117 32.20 -3.98 15.65
CA LYS A 117 32.65 -2.60 15.59
C LYS A 117 31.95 -1.86 14.46
N SER A 118 31.92 -2.47 13.28
CA SER A 118 31.27 -1.85 12.15
C SER A 118 29.77 -1.75 12.37
N ASN A 119 29.22 -2.69 13.13
CA ASN A 119 27.81 -2.70 13.41
C ASN A 119 27.38 -1.40 14.09
N GLN A 120 28.28 -0.77 14.83
CA GLN A 120 27.99 0.50 15.50
C GLN A 120 27.83 1.62 14.48
N TYR A 121 28.27 1.40 13.24
CA TYR A 121 28.19 2.46 12.23
C TYR A 121 27.15 2.22 11.13
N VAL A 122 26.55 1.03 11.11
CA VAL A 122 25.56 0.70 10.07
C VAL A 122 24.46 1.75 9.89
N TYR A 123 24.10 2.44 10.97
CA TYR A 123 23.06 3.47 10.95
C TYR A 123 23.56 4.91 11.15
N GLY A 124 24.88 5.13 11.05
CA GLY A 124 25.43 6.48 11.24
C GLY A 124 26.46 6.52 12.37
N ILE A 125 27.07 7.69 12.62
CA ILE A 125 28.08 7.84 13.69
C ILE A 125 27.38 7.54 15.01
N GLY A 126 28.01 6.81 15.94
CA GLY A 126 27.34 6.49 17.19
C GLY A 126 26.01 5.80 16.95
N GLY A 127 25.87 5.22 15.76
CA GLY A 127 24.66 4.50 15.42
C GLY A 127 23.55 5.42 15.00
N GLY A 128 23.86 6.72 14.99
CA GLY A 128 22.89 7.72 14.61
C GLY A 128 21.66 7.65 15.48
N THR A 129 20.50 7.78 14.85
CA THR A 129 19.25 7.74 15.57
C THR A 129 18.57 6.38 15.38
N GLY A 130 19.36 5.36 15.03
CA GLY A 130 18.80 4.01 14.87
C GLY A 130 18.13 3.68 13.54
N CYS A 131 17.57 2.48 13.45
CA CYS A 131 16.88 2.00 12.25
C CYS A 131 15.78 2.96 11.74
N PRO A 132 15.63 3.05 10.40
CA PRO A 132 14.69 3.86 9.62
C PRO A 132 13.21 3.82 9.97
N THR A 133 12.71 2.64 10.30
CA THR A 133 11.29 2.47 10.60
C THR A 133 10.94 2.57 12.10
N HIS A 134 11.80 2.10 13.00
CA HIS A 134 11.43 2.21 14.41
C HIS A 134 12.33 3.21 15.17
N LYS A 135 13.27 3.84 14.45
CA LYS A 135 14.16 4.81 15.09
C LYS A 135 14.76 4.24 16.36
N ASP A 136 15.21 3.00 16.27
CA ASP A 136 15.81 2.28 17.39
C ASP A 136 17.17 1.60 17.10
N ARG A 137 18.22 2.17 17.68
CA ARG A 137 19.58 1.70 17.50
C ARG A 137 19.80 0.21 17.83
N SER A 138 19.06 -0.32 18.80
CA SER A 138 19.21 -1.71 19.17
C SER A 138 18.07 -2.59 18.60
N CYS A 139 17.34 -2.06 17.62
CA CYS A 139 16.24 -2.83 17.05
C CYS A 139 16.68 -4.23 16.64
N TYR A 140 15.80 -5.20 16.83
CA TYR A 140 16.11 -6.58 16.47
C TYR A 140 15.20 -7.04 15.36
N ILE A 141 14.50 -6.11 14.75
CA ILE A 141 13.60 -6.51 13.71
C ILE A 141 14.15 -6.16 12.34
N CYS A 142 14.59 -4.92 12.15
CA CYS A 142 15.09 -4.53 10.84
C CYS A 142 16.35 -5.25 10.40
N HIS A 143 16.51 -5.35 9.09
CA HIS A 143 17.65 -5.99 8.49
C HIS A 143 18.80 -4.98 8.37
N ARG A 144 19.96 -5.33 8.90
CA ARG A 144 21.12 -4.47 8.85
C ARG A 144 22.03 -5.01 7.79
N GLN A 145 22.85 -4.16 7.20
CA GLN A 145 23.81 -4.60 6.19
C GLN A 145 25.22 -4.19 6.60
N MET A 146 26.21 -4.97 6.19
CA MET A 146 27.60 -4.63 6.43
C MET A 146 28.43 -5.39 5.39
N LEU A 147 29.69 -5.01 5.23
CA LEU A 147 30.51 -5.65 4.23
C LEU A 147 31.75 -6.30 4.80
N PHE A 148 32.18 -7.38 4.15
CA PHE A 148 33.39 -8.06 4.56
C PHE A 148 34.28 -7.83 3.33
N CYS A 149 35.21 -6.89 3.43
CA CYS A 149 36.03 -6.51 2.29
C CYS A 149 37.50 -6.85 2.18
N ARG A 150 37.98 -6.84 0.95
CA ARG A 150 39.39 -7.04 0.69
C ARG A 150 39.94 -5.65 0.83
N VAL A 151 40.89 -5.47 1.75
CA VAL A 151 41.46 -4.16 1.95
C VAL A 151 42.96 -4.22 1.74
N THR A 152 43.44 -3.43 0.80
CA THR A 152 44.86 -3.38 0.50
C THR A 152 45.48 -2.38 1.47
N LEU A 153 46.34 -2.86 2.35
CA LEU A 153 46.95 -1.98 3.34
C LEU A 153 48.35 -1.55 3.00
N GLY A 154 49.05 -2.36 2.21
CA GLY A 154 50.42 -2.05 1.87
C GLY A 154 51.18 -1.85 3.16
N LYS A 155 52.02 -0.83 3.18
CA LYS A 155 52.78 -0.54 4.38
C LYS A 155 51.92 0.35 5.25
N SER A 156 51.49 -0.15 6.40
CA SER A 156 50.64 0.65 7.26
C SER A 156 51.43 1.45 8.27
N PHE A 157 50.97 2.66 8.52
CA PHE A 157 51.59 3.53 9.49
C PHE A 157 50.82 3.26 10.78
N LEU A 158 51.54 2.95 11.84
CA LEU A 158 50.88 2.66 13.08
C LEU A 158 50.86 3.78 14.07
N GLN A 159 49.68 4.21 14.45
CA GLN A 159 49.57 5.19 15.50
C GLN A 159 48.57 5.03 16.60
N PHE A 160 48.89 5.61 17.74
CA PHE A 160 48.14 5.47 18.98
C PHE A 160 47.23 6.65 19.23
N SER A 161 47.75 7.87 19.23
CA SER A 161 46.90 9.03 19.43
C SER A 161 46.16 9.49 18.12
N THR A 162 45.12 10.27 18.33
CA THR A 162 44.23 10.83 17.32
C THR A 162 44.82 12.02 16.59
N MET A 163 45.45 11.76 15.45
CA MET A 163 46.05 12.82 14.67
C MET A 163 45.36 12.78 13.31
N LYS A 164 44.59 13.84 13.05
CA LYS A 164 43.82 13.95 11.81
C LYS A 164 44.62 14.08 10.54
N MET A 165 44.40 13.12 9.67
CA MET A 165 45.06 13.03 8.40
C MET A 165 44.09 13.13 7.24
N ALA A 166 44.66 13.50 6.10
CA ALA A 166 43.90 13.65 4.86
C ALA A 166 44.41 12.60 3.82
N HIS A 167 45.64 12.09 4.02
CA HIS A 167 46.21 11.07 3.14
C HIS A 167 47.10 10.21 4.02
N ALA A 168 47.57 9.10 3.48
CA ALA A 168 48.46 8.25 4.26
C ALA A 168 49.80 8.95 4.35
N PRO A 169 50.55 8.72 5.44
CA PRO A 169 51.85 9.39 5.54
C PRO A 169 52.77 8.92 4.42
N PRO A 170 53.79 9.74 4.07
CA PRO A 170 54.75 9.39 3.01
C PRO A 170 55.27 7.97 3.17
N GLY A 171 55.39 7.27 2.04
CA GLY A 171 55.88 5.91 2.06
C GLY A 171 54.90 4.88 2.59
N HIS A 172 53.71 5.31 3.00
CA HIS A 172 52.68 4.40 3.53
C HIS A 172 51.41 4.35 2.64
N HIS A 173 50.52 3.41 2.94
CA HIS A 173 49.30 3.24 2.15
C HIS A 173 48.07 3.12 3.03
N SER A 174 48.28 3.11 4.34
CA SER A 174 47.19 3.00 5.29
C SER A 174 47.59 3.39 6.71
N VAL A 175 46.60 3.65 7.55
CA VAL A 175 46.85 4.01 8.94
C VAL A 175 46.09 3.09 9.88
N ILE A 176 46.79 2.50 10.83
CA ILE A 176 46.14 1.63 11.79
C ILE A 176 46.09 2.34 13.15
N GLY A 177 44.88 2.60 13.64
CA GLY A 177 44.73 3.23 14.94
C GLY A 177 44.84 2.13 15.98
N ARG A 178 45.98 2.04 16.66
CA ARG A 178 46.21 0.98 17.64
C ARG A 178 45.69 1.23 19.05
N PRO A 179 45.18 0.17 19.69
CA PRO A 179 44.62 0.19 21.04
C PRO A 179 45.52 0.90 22.05
N SER A 180 44.93 1.81 22.84
CA SER A 180 45.65 2.55 23.86
C SER A 180 44.83 2.46 25.15
N VAL A 181 45.49 2.59 26.31
CA VAL A 181 44.81 2.51 27.61
C VAL A 181 43.78 3.64 27.71
N ASN A 182 44.20 4.84 27.34
CA ASN A 182 43.36 6.03 27.36
C ASN A 182 42.69 6.27 26.00
N GLY A 183 43.06 5.45 25.00
CA GLY A 183 42.51 5.56 23.66
C GLY A 183 41.60 4.41 23.22
N LEU A 184 41.78 3.95 21.98
CA LEU A 184 40.95 2.88 21.40
C LEU A 184 40.77 1.60 22.19
N ALA A 185 39.64 0.93 22.00
CA ALA A 185 39.37 -0.33 22.68
C ALA A 185 39.76 -1.46 21.75
N TYR A 186 39.82 -1.15 20.45
CA TYR A 186 40.16 -2.13 19.41
C TYR A 186 40.71 -1.40 18.20
N ALA A 187 41.45 -2.11 17.35
CA ALA A 187 42.08 -1.50 16.16
C ALA A 187 41.14 -1.06 15.05
N GLU A 188 41.44 0.08 14.43
CA GLU A 188 40.65 0.50 13.27
C GLU A 188 41.62 0.73 12.10
N TYR A 189 41.20 0.30 10.92
CA TYR A 189 42.03 0.39 9.72
C TYR A 189 41.59 1.49 8.78
N VAL A 190 42.49 2.37 8.38
CA VAL A 190 42.08 3.45 7.51
C VAL A 190 42.82 3.50 6.19
N ILE A 191 42.11 3.86 5.14
CA ILE A 191 42.71 4.01 3.82
C ILE A 191 42.17 5.32 3.29
N TYR A 192 42.92 5.99 2.42
CA TYR A 192 42.48 7.26 1.88
C TYR A 192 42.28 7.19 0.38
N ARG A 193 41.97 5.99 -0.09
CA ARG A 193 41.72 5.72 -1.50
C ARG A 193 40.72 4.59 -1.65
N GLY A 194 39.56 4.90 -2.19
CA GLY A 194 38.53 3.88 -2.37
C GLY A 194 38.99 2.64 -3.12
N GLU A 195 39.76 2.82 -4.18
CA GLU A 195 40.22 1.69 -4.95
C GLU A 195 41.15 0.74 -4.19
N GLN A 196 41.34 0.99 -2.89
CA GLN A 196 42.17 0.11 -2.07
C GLN A 196 41.32 -0.86 -1.28
N ALA A 197 40.02 -0.86 -1.54
CA ALA A 197 39.14 -1.76 -0.84
C ALA A 197 38.05 -2.27 -1.77
N TYR A 198 37.88 -3.58 -1.79
CA TYR A 198 36.85 -4.20 -2.62
C TYR A 198 35.77 -4.80 -1.71
N PRO A 199 34.52 -4.35 -1.88
CA PRO A 199 33.38 -4.85 -1.09
C PRO A 199 32.95 -6.28 -1.47
N GLU A 200 33.78 -7.27 -1.14
CA GLU A 200 33.56 -8.68 -1.44
C GLU A 200 32.22 -9.29 -1.07
N TYR A 201 31.82 -9.16 0.19
CA TYR A 201 30.59 -9.77 0.64
C TYR A 201 29.55 -8.83 1.23
N LEU A 202 28.31 -9.00 0.79
CA LEU A 202 27.20 -8.22 1.31
C LEU A 202 26.53 -9.15 2.29
N ILE A 203 26.40 -8.69 3.53
CA ILE A 203 25.80 -9.48 4.59
C ILE A 203 24.56 -8.82 5.14
N THR A 204 23.44 -9.51 5.01
CA THR A 204 22.19 -8.99 5.53
C THR A 204 21.97 -9.77 6.83
N TYR A 205 21.60 -9.06 7.88
CA TYR A 205 21.45 -9.71 9.15
C TYR A 205 20.65 -8.93 10.18
N GLN A 206 20.37 -9.58 11.30
CA GLN A 206 19.67 -8.95 12.40
C GLN A 206 20.53 -9.21 13.60
N ILE A 207 20.51 -8.31 14.58
CA ILE A 207 21.24 -8.57 15.80
C ILE A 207 20.19 -9.34 16.61
N MET A 208 20.62 -10.25 17.47
CA MET A 208 19.67 -11.05 18.25
C MET A 208 19.51 -10.69 19.72
N LYS A 209 18.27 -10.60 20.17
CA LYS A 209 17.98 -10.29 21.57
C LYS A 209 18.46 -11.49 22.40
N PRO A 210 19.30 -11.25 23.41
CA PRO A 210 19.94 -12.15 24.38
C PRO A 210 19.05 -13.17 25.13
N GLU A 211 19.72 -14.20 25.66
CA GLU A 211 19.13 -15.33 26.41
C GLU A 211 19.91 -15.59 27.73
N HIS A 212 19.42 -16.50 28.56
CA HIS A 212 20.10 -16.86 29.81
C HIS A 212 19.49 -18.16 30.38
N GLN B 1 4.11 -43.08 5.20
CA GLN B 1 3.23 -42.92 6.39
C GLN B 1 3.51 -41.60 7.09
N GLY B 2 2.56 -41.19 7.95
CA GLY B 2 2.71 -39.94 8.67
C GLY B 2 2.29 -38.76 7.82
N THR B 3 2.57 -37.56 8.32
CA THR B 3 2.21 -36.35 7.62
C THR B 3 3.33 -35.80 6.76
N ILE B 4 2.96 -35.35 5.56
CA ILE B 4 3.91 -34.75 4.65
C ILE B 4 3.54 -33.28 4.59
N LEU B 5 4.52 -32.39 4.71
CA LEU B 5 4.24 -30.97 4.59
C LEU B 5 4.66 -30.55 3.19
N LEU B 6 3.75 -29.94 2.46
CA LEU B 6 4.05 -29.50 1.11
C LEU B 6 4.15 -27.98 1.06
N ASP B 7 5.36 -27.48 0.87
CA ASP B 7 5.60 -26.05 0.81
C ASP B 7 4.96 -25.37 -0.37
N LEU B 8 4.25 -24.30 -0.09
CA LEU B 8 3.61 -23.58 -1.16
C LEU B 8 4.47 -22.40 -1.59
N ALA B 9 4.62 -22.24 -2.90
CA ALA B 9 5.38 -21.17 -3.48
C ALA B 9 4.59 -19.86 -3.35
N PRO B 10 5.24 -18.77 -2.91
CA PRO B 10 4.48 -17.51 -2.79
C PRO B 10 3.94 -16.87 -4.09
N GLU B 11 4.40 -17.36 -5.24
CA GLU B 11 3.91 -16.87 -6.53
C GLU B 11 2.66 -17.67 -6.94
N ASP B 12 2.36 -18.69 -6.13
CA ASP B 12 1.22 -19.63 -6.28
C ASP B 12 -0.13 -18.97 -5.86
N LYS B 13 -1.21 -19.23 -6.60
CA LYS B 13 -2.48 -18.64 -6.23
C LYS B 13 -2.98 -19.17 -4.90
N GLU B 14 -2.70 -20.43 -4.61
CA GLU B 14 -3.12 -21.05 -3.35
C GLU B 14 -2.46 -20.40 -2.13
N TYR B 15 -1.16 -20.12 -2.24
CA TYR B 15 -0.43 -19.47 -1.16
C TYR B 15 -1.03 -18.07 -0.98
N GLN B 16 -1.12 -17.34 -2.08
CA GLN B 16 -1.65 -15.99 -2.08
C GLN B 16 -3.06 -15.92 -1.54
N SER B 17 -3.86 -16.94 -1.82
CA SER B 17 -5.23 -16.97 -1.35
C SER B 17 -5.25 -17.08 0.19
N VAL B 18 -4.47 -18.00 0.73
CA VAL B 18 -4.39 -18.20 2.17
C VAL B 18 -3.83 -16.95 2.85
N GLU B 19 -2.74 -16.39 2.33
CA GLU B 19 -2.18 -15.19 2.93
C GLU B 19 -3.20 -14.07 2.93
N GLU B 20 -3.89 -13.91 1.81
CA GLU B 20 -4.92 -12.88 1.67
C GLU B 20 -5.87 -13.02 2.85
N GLU B 21 -6.50 -14.19 2.95
CA GLU B 21 -7.43 -14.48 4.02
C GLU B 21 -6.84 -14.18 5.40
N MET B 22 -5.57 -14.55 5.61
CA MET B 22 -4.93 -14.30 6.89
C MET B 22 -4.76 -12.81 7.22
N GLN B 23 -4.20 -12.07 6.27
CA GLN B 23 -3.96 -10.64 6.45
C GLN B 23 -5.24 -9.79 6.51
N SER B 24 -6.21 -10.04 5.64
CA SER B 24 -7.39 -9.19 5.65
C SER B 24 -8.48 -9.46 6.67
N THR B 25 -8.25 -10.42 7.55
CA THR B 25 -9.24 -10.73 8.57
C THR B 25 -8.66 -10.32 9.93
N ILE B 26 -7.72 -9.38 9.87
CA ILE B 26 -7.10 -8.87 11.08
C ILE B 26 -8.01 -7.77 11.57
N ARG B 27 -8.39 -7.81 12.84
CA ARG B 27 -9.30 -6.79 13.36
C ARG B 27 -8.77 -6.21 14.66
N GLU B 28 -9.37 -5.15 15.17
CA GLU B 28 -8.87 -4.54 16.41
C GLU B 28 -9.59 -4.96 17.69
N HIS B 29 -9.02 -5.95 18.38
CA HIS B 29 -9.65 -6.48 19.58
C HIS B 29 -9.72 -5.54 20.77
N ARG B 30 -10.75 -5.82 21.55
CA ARG B 30 -11.07 -5.13 22.79
C ARG B 30 -9.90 -5.26 23.75
N ASP B 31 -9.12 -6.31 23.54
CA ASP B 31 -7.96 -6.62 24.37
C ASP B 31 -6.88 -5.54 24.37
N GLY B 32 -6.96 -4.59 23.45
CA GLY B 32 -5.92 -3.58 23.40
C GLY B 32 -4.62 -4.27 23.02
N GLY B 33 -4.74 -5.53 22.59
CA GLY B 33 -3.59 -6.33 22.16
C GLY B 33 -2.80 -7.10 23.20
N ASN B 34 -3.27 -7.13 24.45
CA ASN B 34 -2.53 -7.82 25.51
C ASN B 34 -2.43 -9.35 25.38
N ALA B 35 -3.29 -9.94 24.56
CA ALA B 35 -3.28 -11.38 24.38
C ALA B 35 -2.37 -11.79 23.23
N GLY B 36 -2.59 -11.20 22.06
CA GLY B 36 -1.79 -11.57 20.90
C GLY B 36 -0.72 -10.59 20.45
N GLY B 37 -0.69 -9.40 21.04
CA GLY B 37 0.30 -8.41 20.67
C GLY B 37 -0.31 -7.30 19.83
N ILE B 38 0.42 -6.19 19.68
CA ILE B 38 -0.04 -5.04 18.92
C ILE B 38 0.47 -5.17 17.48
N PHE B 39 -0.44 -5.07 16.52
CA PHE B 39 -0.06 -5.21 15.12
C PHE B 39 -1.24 -5.03 14.18
N ASN B 40 -0.97 -4.50 12.99
CA ASN B 40 -2.01 -4.32 11.99
C ASN B 40 -1.63 -5.13 10.74
N ARG B 41 -0.60 -5.97 10.90
CA ARG B 41 -0.13 -6.82 9.80
C ARG B 41 0.83 -7.91 10.29
N TYR B 42 0.98 -8.94 9.46
CA TYR B 42 1.85 -10.08 9.73
C TYR B 42 2.91 -10.18 8.66
N ASN B 43 3.96 -10.93 8.96
CA ASN B 43 4.99 -11.21 7.98
C ASN B 43 4.89 -12.72 7.82
N VAL B 44 4.22 -13.16 6.75
CA VAL B 44 4.05 -14.57 6.48
C VAL B 44 5.37 -15.13 6.02
N ILE B 45 5.94 -15.98 6.87
CA ILE B 45 7.23 -16.59 6.60
C ILE B 45 7.05 -17.89 5.84
N ARG B 46 5.97 -18.60 6.12
CA ARG B 46 5.80 -19.88 5.44
C ARG B 46 4.40 -20.46 5.48
N ILE B 47 4.00 -21.10 4.39
CA ILE B 47 2.70 -21.75 4.32
C ILE B 47 2.84 -23.16 3.75
N GLN B 48 2.47 -24.16 4.55
CA GLN B 48 2.58 -25.54 4.11
C GLN B 48 1.28 -26.34 4.11
N LYS B 49 1.11 -27.16 3.07
CA LYS B 49 -0.05 -27.99 2.99
C LYS B 49 0.24 -29.23 3.84
N VAL B 50 -0.72 -29.60 4.69
CA VAL B 50 -0.60 -30.77 5.58
C VAL B 50 -1.31 -31.98 4.96
N VAL B 51 -0.55 -32.99 4.56
CA VAL B 51 -1.12 -34.19 3.96
C VAL B 51 -0.96 -35.39 4.91
N ASN B 52 -2.05 -36.08 5.21
CA ASN B 52 -2.01 -37.25 6.09
C ASN B 52 -3.17 -38.17 5.73
N LYS B 53 -2.84 -39.30 5.13
CA LYS B 53 -3.84 -40.28 4.69
C LYS B 53 -4.89 -40.52 5.75
N LYS B 54 -4.40 -40.94 6.92
CA LYS B 54 -5.25 -41.26 8.05
C LYS B 54 -6.15 -40.12 8.48
N LEU B 55 -5.61 -38.91 8.51
CA LEU B 55 -6.42 -37.75 8.88
C LEU B 55 -7.57 -37.44 7.90
N ARG B 56 -7.25 -37.42 6.61
CA ARG B 56 -8.19 -37.14 5.53
C ARG B 56 -9.33 -38.14 5.54
N GLU B 57 -8.97 -39.37 5.88
CA GLU B 57 -9.87 -40.50 5.96
C GLU B 57 -10.96 -40.31 7.01
N ARG B 58 -10.55 -40.07 8.25
CA ARG B 58 -11.49 -39.86 9.35
C ARG B 58 -12.35 -38.65 9.01
N PHE B 59 -11.69 -37.61 8.53
CA PHE B 59 -12.36 -36.38 8.18
C PHE B 59 -13.47 -36.57 7.14
N CYS B 60 -13.18 -37.23 6.02
CA CYS B 60 -14.18 -37.45 4.98
C CYS B 60 -15.31 -38.39 5.38
N HIS B 61 -14.99 -39.44 6.14
CA HIS B 61 -16.03 -40.35 6.59
C HIS B 61 -16.96 -39.64 7.55
N ARG B 62 -16.39 -38.86 8.46
CA ARG B 62 -17.21 -38.12 9.42
C ARG B 62 -18.04 -37.10 8.68
N GLN B 63 -17.49 -36.61 7.57
CA GLN B 63 -18.15 -35.61 6.75
C GLN B 63 -19.38 -36.16 6.04
N LYS B 64 -19.35 -37.40 5.59
CA LYS B 64 -20.55 -37.88 4.95
C LYS B 64 -21.53 -38.44 5.97
N GLU B 65 -21.10 -38.61 7.22
CA GLU B 65 -22.04 -39.05 8.25
C GLU B 65 -22.89 -37.78 8.45
N VAL B 66 -22.20 -36.66 8.69
CA VAL B 66 -22.82 -35.36 8.91
C VAL B 66 -23.84 -34.95 7.85
N SER B 67 -23.54 -35.23 6.58
CA SER B 67 -24.46 -34.93 5.47
C SER B 67 -25.73 -35.78 5.60
N GLU B 68 -25.56 -37.09 5.85
CA GLU B 68 -26.70 -38.00 6.00
C GLU B 68 -27.64 -37.34 6.99
N GLU B 69 -27.03 -36.84 8.08
CA GLU B 69 -27.67 -36.21 9.26
C GLU B 69 -28.14 -34.74 9.11
N ASN B 70 -27.89 -34.14 7.95
CA ASN B 70 -28.22 -32.73 7.71
C ASN B 70 -28.61 -32.45 6.27
N HIS B 71 -29.45 -33.31 5.72
CA HIS B 71 -29.99 -33.11 4.39
C HIS B 71 -28.95 -32.98 3.28
N ASN B 72 -28.00 -33.90 3.26
CA ASN B 72 -26.97 -33.94 2.21
C ASN B 72 -26.08 -32.73 2.11
N HIS B 73 -26.02 -31.91 3.17
CA HIS B 73 -25.12 -30.74 3.17
C HIS B 73 -24.20 -30.82 4.37
N HIS B 74 -22.91 -30.98 4.17
CA HIS B 74 -22.02 -31.09 5.32
C HIS B 74 -21.62 -29.71 5.89
N ASN B 75 -21.76 -28.67 5.09
CA ASN B 75 -21.47 -27.31 5.53
C ASN B 75 -20.02 -27.09 5.98
N GLU B 76 -19.09 -27.23 5.05
CA GLU B 76 -17.68 -27.05 5.36
C GLU B 76 -17.34 -25.56 5.36
N ARG B 77 -16.40 -25.19 6.23
CA ARG B 77 -15.93 -23.81 6.38
C ARG B 77 -14.42 -23.76 6.62
N MET B 78 -13.75 -22.85 5.92
CA MET B 78 -12.34 -22.65 6.10
C MET B 78 -12.24 -21.64 7.26
N LEU B 79 -11.65 -22.08 8.37
CA LEU B 79 -11.48 -21.25 9.56
C LEU B 79 -10.10 -21.40 10.19
N PHE B 80 -9.66 -20.36 10.88
CA PHE B 80 -8.37 -20.34 11.53
C PHE B 80 -8.42 -20.96 12.91
N HIS B 81 -7.31 -21.56 13.33
CA HIS B 81 -7.22 -22.14 14.68
C HIS B 81 -5.84 -21.85 15.26
N GLY B 82 -5.81 -21.42 16.52
CA GLY B 82 -4.56 -21.15 17.17
C GLY B 82 -4.45 -21.85 18.52
N SER B 83 -3.28 -22.43 18.79
CA SER B 83 -2.99 -23.10 20.05
C SER B 83 -1.54 -23.57 20.12
N PRO B 84 -1.04 -23.85 21.33
CA PRO B 84 0.35 -24.30 21.51
C PRO B 84 0.49 -25.78 21.18
N PHE B 85 -0.52 -26.36 20.55
CA PHE B 85 -0.48 -27.77 20.24
C PHE B 85 -0.47 -28.10 18.76
N ILE B 86 -0.14 -27.10 17.94
CA ILE B 86 -0.10 -27.28 16.50
C ILE B 86 0.75 -28.45 16.03
N ASN B 87 1.98 -28.55 16.52
CA ASN B 87 2.83 -29.64 16.07
C ASN B 87 2.19 -31.01 16.27
N ALA B 88 1.47 -31.19 17.37
CA ALA B 88 0.80 -32.46 17.63
C ALA B 88 -0.43 -32.64 16.73
N ILE B 89 -1.13 -31.54 16.43
CA ILE B 89 -2.33 -31.57 15.59
C ILE B 89 -2.08 -31.95 14.14
N ILE B 90 -1.00 -31.43 13.55
CA ILE B 90 -0.71 -31.77 12.17
C ILE B 90 -0.24 -33.22 12.05
N HIS B 91 0.18 -33.81 13.17
CA HIS B 91 0.62 -35.20 13.14
C HIS B 91 -0.45 -36.20 13.59
N LYS B 92 -1.25 -35.82 14.58
CA LYS B 92 -2.28 -36.72 15.11
C LYS B 92 -3.70 -36.23 14.87
N GLY B 93 -3.84 -35.07 14.25
CA GLY B 93 -5.15 -34.52 14.00
C GLY B 93 -5.80 -33.94 15.24
N PHE B 94 -6.84 -33.15 15.04
CA PHE B 94 -7.57 -32.56 16.15
C PHE B 94 -8.13 -33.69 16.99
N ASP B 95 -8.13 -33.52 18.31
CA ASP B 95 -8.61 -34.58 19.20
C ASP B 95 -9.39 -33.96 20.36
N GLU B 96 -10.70 -34.21 20.44
CA GLU B 96 -11.50 -33.65 21.52
C GLU B 96 -11.01 -34.06 22.91
N ARG B 97 -10.22 -35.12 22.99
CA ARG B 97 -9.67 -35.57 24.27
C ARG B 97 -8.70 -34.58 24.90
N HIS B 98 -8.07 -33.75 24.08
CA HIS B 98 -7.13 -32.77 24.59
C HIS B 98 -7.76 -31.39 24.52
N ALA B 99 -9.08 -31.34 24.54
CA ALA B 99 -9.72 -30.05 24.43
C ALA B 99 -9.91 -29.22 25.70
N TYR B 100 -9.84 -27.91 25.51
CA TYR B 100 -9.98 -26.88 26.54
C TYR B 100 -10.64 -27.27 27.88
N ILE B 101 -11.96 -27.13 27.97
CA ILE B 101 -12.80 -27.36 29.17
C ILE B 101 -13.01 -26.00 29.86
N GLY B 102 -12.01 -25.14 29.82
CA GLY B 102 -12.16 -23.84 30.44
C GLY B 102 -12.87 -22.87 29.48
N GLY B 103 -13.17 -23.36 28.27
CA GLY B 103 -13.81 -22.56 27.21
C GLY B 103 -15.21 -21.96 27.35
N MET B 104 -15.52 -20.87 26.66
CA MET B 104 -16.85 -20.28 26.81
C MET B 104 -17.96 -21.24 26.54
N PHE B 105 -17.77 -22.08 25.54
CA PHE B 105 -18.84 -23.01 25.23
C PHE B 105 -18.51 -24.44 25.63
N GLY B 106 -17.54 -24.61 26.53
CA GLY B 106 -17.19 -25.94 26.95
C GLY B 106 -15.90 -26.55 26.46
N ALA B 107 -15.89 -27.88 26.54
CA ALA B 107 -14.77 -28.71 26.14
C ALA B 107 -14.83 -28.99 24.64
N GLY B 108 -14.54 -27.95 23.86
CA GLY B 108 -14.56 -28.10 22.42
C GLY B 108 -13.24 -27.69 21.83
N ILE B 109 -13.18 -27.77 20.51
CA ILE B 109 -12.02 -27.37 19.73
C ILE B 109 -12.50 -26.08 19.04
N TYR B 110 -11.82 -24.97 19.32
CA TYR B 110 -12.21 -23.66 18.80
C TYR B 110 -11.58 -23.15 17.50
N PHE B 111 -12.40 -22.47 16.71
CA PHE B 111 -12.00 -21.91 15.43
C PHE B 111 -12.56 -20.51 15.34
N ALA B 112 -11.96 -19.69 14.48
CA ALA B 112 -12.41 -18.32 14.30
C ALA B 112 -12.21 -17.95 12.85
N GLU B 113 -13.10 -17.13 12.30
CA GLU B 113 -12.93 -16.73 10.92
C GLU B 113 -11.95 -15.54 10.80
N ASN B 114 -11.59 -14.96 11.95
CA ASN B 114 -10.62 -13.87 11.96
C ASN B 114 -9.26 -14.40 12.42
N SER B 115 -8.24 -14.32 11.57
CA SER B 115 -6.90 -14.79 11.95
C SER B 115 -6.41 -14.16 13.26
N SER B 116 -6.71 -12.89 13.48
CA SER B 116 -6.28 -12.20 14.69
C SER B 116 -6.89 -12.77 15.98
N LYS B 117 -8.06 -13.39 15.88
CA LYS B 117 -8.64 -13.98 17.08
C LYS B 117 -7.81 -15.21 17.49
N SER B 118 -7.53 -16.09 16.53
CA SER B 118 -6.73 -17.29 16.81
C SER B 118 -5.34 -16.94 17.24
N ASN B 119 -4.86 -15.79 16.80
CA ASN B 119 -3.52 -15.38 17.16
C ASN B 119 -3.44 -15.16 18.67
N GLN B 120 -4.56 -14.79 19.29
CA GLN B 120 -4.60 -14.57 20.73
C GLN B 120 -4.32 -15.85 21.53
N TYR B 121 -4.50 -17.00 20.90
CA TYR B 121 -4.32 -18.29 21.57
C TYR B 121 -3.06 -19.09 21.19
N VAL B 122 -2.23 -18.54 20.31
CA VAL B 122 -1.02 -19.26 19.91
C VAL B 122 -0.08 -19.61 21.08
N TYR B 123 -0.02 -18.76 22.11
CA TYR B 123 0.85 -19.01 23.25
C TYR B 123 0.09 -19.48 24.50
N GLY B 124 -1.21 -19.68 24.33
CA GLY B 124 -2.06 -20.16 25.42
C GLY B 124 -3.27 -19.28 25.62
N ILE B 125 -4.15 -19.71 26.53
CA ILE B 125 -5.37 -18.95 26.87
C ILE B 125 -4.94 -17.54 27.24
N GLY B 126 -5.57 -16.53 26.63
CA GLY B 126 -5.20 -15.16 26.93
C GLY B 126 -3.72 -14.87 26.66
N GLY B 127 -3.12 -15.63 25.76
CA GLY B 127 -1.72 -15.40 25.40
C GLY B 127 -0.72 -15.99 26.38
N GLY B 128 -1.20 -16.76 27.35
CA GLY B 128 -0.32 -17.35 28.33
C GLY B 128 0.68 -16.34 28.86
N THR B 129 1.96 -16.64 28.67
CA THR B 129 3.03 -15.76 29.11
C THR B 129 3.90 -15.38 27.93
N GLY B 130 3.30 -15.31 26.75
CA GLY B 130 4.04 -14.93 25.54
C GLY B 130 5.01 -15.98 25.04
N CYS B 131 5.85 -15.61 24.08
CA CYS B 131 6.81 -16.56 23.53
C CYS B 131 7.73 -17.16 24.62
N PRO B 132 8.24 -18.36 24.36
CA PRO B 132 9.13 -19.09 25.26
C PRO B 132 10.44 -18.39 25.72
N THR B 133 11.18 -17.80 24.75
CA THR B 133 12.47 -17.14 25.03
C THR B 133 12.44 -15.71 25.60
N HIS B 134 11.42 -14.91 25.31
CA HIS B 134 11.40 -13.55 25.87
C HIS B 134 10.16 -13.32 26.72
N LYS B 135 9.32 -14.36 26.83
CA LYS B 135 8.09 -14.29 27.61
C LYS B 135 7.36 -12.98 27.32
N ASP B 136 7.10 -12.74 26.03
CA ASP B 136 6.40 -11.52 25.58
C ASP B 136 5.26 -11.87 24.61
N ARG B 137 4.03 -11.67 25.06
CA ARG B 137 2.87 -11.97 24.23
C ARG B 137 2.85 -11.19 22.92
N SER B 138 3.73 -10.18 22.83
CA SER B 138 3.81 -9.31 21.66
C SER B 138 5.18 -9.38 20.98
N CYS B 139 5.91 -10.48 21.16
CA CYS B 139 7.21 -10.59 20.52
C CYS B 139 7.06 -10.46 19.01
N TYR B 140 8.03 -9.85 18.36
CA TYR B 140 7.99 -9.70 16.92
C TYR B 140 9.08 -10.54 16.26
N ILE B 141 9.86 -11.25 17.07
CA ILE B 141 10.92 -12.06 16.51
C ILE B 141 10.50 -13.48 16.27
N CYS B 142 10.08 -14.12 17.35
CA CYS B 142 9.67 -15.52 17.37
C CYS B 142 8.62 -15.88 16.32
N HIS B 143 8.80 -17.05 15.75
CA HIS B 143 7.90 -17.53 14.73
C HIS B 143 6.68 -18.16 15.38
N ARG B 144 5.51 -17.65 15.02
CA ARG B 144 4.28 -18.18 15.54
C ARG B 144 3.69 -19.06 14.45
N GLN B 145 2.80 -19.97 14.84
CA GLN B 145 2.15 -20.85 13.88
C GLN B 145 0.66 -20.86 14.16
N MET B 146 -0.15 -21.08 13.13
CA MET B 146 -1.59 -21.20 13.29
C MET B 146 -2.08 -22.03 12.12
N LEU B 147 -3.33 -22.49 12.16
CA LEU B 147 -3.85 -23.33 11.10
C LEU B 147 -5.07 -22.78 10.38
N PHE B 148 -5.14 -23.06 9.09
CA PHE B 148 -6.28 -22.66 8.30
C PHE B 148 -6.91 -24.00 7.96
N CYS B 149 -7.94 -24.33 8.73
CA CYS B 149 -8.60 -25.62 8.60
C CYS B 149 -9.92 -25.69 7.91
N ARG B 150 -10.23 -26.89 7.42
CA ARG B 150 -11.52 -27.12 6.79
C ARG B 150 -12.30 -27.65 7.98
N VAL B 151 -13.40 -26.99 8.33
CA VAL B 151 -14.25 -27.41 9.44
C VAL B 151 -15.63 -27.84 8.97
N THR B 152 -16.04 -29.05 9.35
CA THR B 152 -17.34 -29.55 8.99
C THR B 152 -18.28 -29.08 10.10
N LEU B 153 -19.14 -28.14 9.79
CA LEU B 153 -20.06 -27.59 10.78
C LEU B 153 -21.44 -28.24 10.81
N GLY B 154 -21.85 -28.80 9.68
CA GLY B 154 -23.15 -29.43 9.61
C GLY B 154 -24.19 -28.41 10.02
N LYS B 155 -25.13 -28.84 10.87
CA LYS B 155 -26.16 -27.93 11.32
C LYS B 155 -25.60 -27.33 12.62
N SER B 156 -25.41 -26.03 12.63
CA SER B 156 -24.86 -25.37 13.79
C SER B 156 -25.91 -24.83 14.74
N PHE B 157 -25.60 -24.91 16.02
CA PHE B 157 -26.49 -24.40 17.04
C PHE B 157 -25.93 -23.03 17.36
N LEU B 158 -26.80 -22.03 17.39
CA LEU B 158 -26.35 -20.68 17.67
C LEU B 158 -26.63 -20.19 19.07
N GLN B 159 -25.62 -19.64 19.73
CA GLN B 159 -25.83 -19.09 21.06
C GLN B 159 -25.12 -17.79 21.32
N PHE B 160 -25.50 -17.15 22.41
CA PHE B 160 -24.99 -15.85 22.80
C PHE B 160 -24.46 -15.96 24.21
N SER B 161 -25.29 -16.47 25.11
CA SER B 161 -24.89 -16.70 26.50
C SER B 161 -23.80 -17.80 26.58
N THR B 162 -22.89 -17.65 27.53
CA THR B 162 -21.80 -18.57 27.83
C THR B 162 -22.36 -19.78 28.62
N MET B 163 -22.70 -20.84 27.89
CA MET B 163 -23.23 -22.08 28.48
C MET B 163 -22.17 -23.17 28.22
N LYS B 164 -21.62 -23.76 29.27
CA LYS B 164 -20.61 -24.79 29.10
C LYS B 164 -21.23 -26.12 28.70
N MET B 165 -20.70 -26.64 27.60
CA MET B 165 -21.15 -27.86 26.98
C MET B 165 -20.03 -28.87 26.88
N ALA B 166 -20.43 -30.14 26.78
CA ALA B 166 -19.48 -31.24 26.66
C ALA B 166 -19.66 -31.85 25.26
N HIS B 167 -20.85 -31.70 24.68
CA HIS B 167 -21.05 -32.18 23.31
C HIS B 167 -21.93 -31.15 22.64
N ALA B 168 -22.20 -31.35 21.37
CA ALA B 168 -23.05 -30.42 20.66
C ALA B 168 -24.48 -30.72 21.06
N PRO B 169 -25.40 -29.76 20.86
CA PRO B 169 -26.77 -30.07 21.24
C PRO B 169 -27.37 -31.11 20.30
N PRO B 170 -28.44 -31.79 20.74
CA PRO B 170 -29.06 -32.81 19.88
C PRO B 170 -29.45 -32.26 18.51
N GLY B 171 -29.31 -33.09 17.49
CA GLY B 171 -29.67 -32.67 16.15
C GLY B 171 -28.63 -31.80 15.46
N HIS B 172 -27.72 -31.24 16.25
CA HIS B 172 -26.66 -30.37 15.75
C HIS B 172 -25.28 -31.04 15.68
N HIS B 173 -24.30 -30.32 15.15
CA HIS B 173 -22.94 -30.87 15.02
C HIS B 173 -21.91 -29.83 15.37
N SER B 174 -22.36 -28.65 15.75
CA SER B 174 -21.44 -27.58 16.08
C SER B 174 -22.15 -26.47 16.81
N VAL B 175 -21.37 -25.53 17.31
CA VAL B 175 -21.89 -24.39 18.02
C VAL B 175 -21.21 -23.13 17.54
N ILE B 176 -22.01 -22.10 17.29
CA ILE B 176 -21.51 -20.81 16.87
C ILE B 176 -21.86 -19.79 17.95
N GLY B 177 -20.85 -19.30 18.65
CA GLY B 177 -21.04 -18.29 19.68
C GLY B 177 -21.00 -16.99 18.89
N ARG B 178 -22.07 -16.18 19.03
CA ARG B 178 -22.26 -14.92 18.27
C ARG B 178 -22.09 -13.61 19.07
N PRO B 179 -21.44 -12.58 18.42
CA PRO B 179 -21.11 -11.23 18.90
C PRO B 179 -22.20 -10.56 19.74
N SER B 180 -22.09 -10.68 21.06
CA SER B 180 -23.05 -10.04 21.98
C SER B 180 -22.41 -8.74 22.50
N VAL B 181 -23.21 -7.82 23.01
CA VAL B 181 -22.68 -6.54 23.52
C VAL B 181 -21.98 -6.88 24.84
N ASN B 182 -22.74 -7.59 25.66
CA ASN B 182 -22.27 -8.04 26.95
C ASN B 182 -21.10 -9.02 26.79
N GLY B 183 -20.93 -9.57 25.59
CA GLY B 183 -19.83 -10.50 25.38
C GLY B 183 -18.97 -10.45 24.13
N LEU B 184 -19.15 -11.50 23.32
CA LEU B 184 -18.45 -11.72 22.08
C LEU B 184 -18.20 -10.56 21.13
N ALA B 185 -16.93 -10.38 20.75
CA ALA B 185 -16.53 -9.31 19.83
C ALA B 185 -16.66 -9.89 18.43
N TYR B 186 -16.37 -11.19 18.34
CA TYR B 186 -16.43 -11.88 17.05
C TYR B 186 -17.00 -13.28 17.23
N ALA B 187 -17.25 -13.95 16.11
CA ALA B 187 -17.83 -15.29 16.15
C ALA B 187 -16.88 -16.45 16.42
N GLU B 188 -17.30 -17.39 17.28
CA GLU B 188 -16.50 -18.57 17.65
C GLU B 188 -17.17 -19.82 17.07
N TYR B 189 -16.41 -20.73 16.46
CA TYR B 189 -16.97 -21.95 15.88
C TYR B 189 -16.46 -23.12 16.69
N VAL B 190 -17.37 -23.86 17.31
CA VAL B 190 -16.94 -24.96 18.14
C VAL B 190 -17.43 -26.32 17.69
N ILE B 191 -16.54 -27.31 17.76
CA ILE B 191 -16.92 -28.66 17.40
C ILE B 191 -16.47 -29.51 18.57
N TYR B 192 -17.11 -30.66 18.76
CA TYR B 192 -16.76 -31.51 19.88
C TYR B 192 -16.27 -32.87 19.42
N ARG B 193 -15.77 -32.89 18.19
CA ARG B 193 -15.20 -34.08 17.58
C ARG B 193 -14.07 -33.64 16.68
N GLY B 194 -12.87 -34.14 16.98
CA GLY B 194 -11.70 -33.79 16.22
C GLY B 194 -11.79 -34.15 14.75
N GLU B 195 -12.49 -35.23 14.42
CA GLU B 195 -12.61 -35.63 13.02
C GLU B 195 -13.43 -34.68 12.15
N GLN B 196 -14.02 -33.66 12.75
CA GLN B 196 -14.78 -32.69 11.97
C GLN B 196 -13.90 -31.50 11.57
N ALA B 197 -12.60 -31.64 11.71
CA ALA B 197 -11.69 -30.58 11.33
C ALA B 197 -10.43 -31.17 10.73
N TYR B 198 -10.04 -30.67 9.56
CA TYR B 198 -8.82 -31.11 8.91
C TYR B 198 -7.91 -29.90 8.90
N PRO B 199 -6.69 -30.02 9.45
CA PRO B 199 -5.75 -28.89 9.47
C PRO B 199 -5.05 -28.74 8.10
N GLU B 200 -5.77 -28.18 7.14
CA GLU B 200 -5.24 -28.02 5.78
C GLU B 200 -3.96 -27.24 5.61
N TYR B 201 -3.85 -26.11 6.30
CA TYR B 201 -2.69 -25.25 6.15
C TYR B 201 -1.91 -24.84 7.41
N LEU B 202 -0.61 -25.05 7.35
CA LEU B 202 0.27 -24.67 8.45
C LEU B 202 0.88 -23.33 8.02
N ILE B 203 0.65 -22.29 8.82
CA ILE B 203 1.12 -20.95 8.55
C ILE B 203 2.15 -20.48 9.56
N THR B 204 3.35 -20.20 9.09
CA THR B 204 4.40 -19.73 9.97
C THR B 204 4.49 -18.25 9.75
N TYR B 205 4.51 -17.48 10.82
CA TYR B 205 4.51 -16.06 10.65
C TYR B 205 4.99 -15.29 11.86
N GLN B 206 5.19 -14.00 11.65
CA GLN B 206 5.58 -13.12 12.73
C GLN B 206 4.53 -12.02 12.68
N ILE B 207 4.31 -11.35 13.80
CA ILE B 207 3.40 -10.22 13.83
C ILE B 207 4.39 -9.05 13.70
N MET B 208 4.01 -7.97 13.02
CA MET B 208 4.93 -6.86 12.85
C MET B 208 4.62 -5.57 13.54
N LYS B 209 5.67 -5.04 14.12
CA LYS B 209 5.61 -3.79 14.80
C LYS B 209 5.14 -2.70 13.81
N PRO B 210 4.09 -1.93 14.19
CA PRO B 210 3.45 -0.84 13.45
C PRO B 210 4.37 0.29 12.96
N GLU B 211 3.94 0.95 11.88
CA GLU B 211 4.68 2.06 11.25
C GLU B 211 4.05 3.44 11.53
N GLN C 1 -38.52 14.82 4.64
CA GLN C 1 -39.51 14.09 3.78
C GLN C 1 -38.72 13.29 2.75
N GLY C 2 -37.48 13.70 2.54
CA GLY C 2 -36.66 13.01 1.57
C GLY C 2 -35.43 12.45 2.24
N THR C 3 -34.48 12.03 1.43
CA THR C 3 -33.25 11.47 1.94
C THR C 3 -32.30 12.62 2.19
N ILE C 4 -31.52 12.53 3.26
CA ILE C 4 -30.57 13.58 3.57
C ILE C 4 -29.18 12.98 3.54
N LEU C 5 -28.34 13.42 2.62
CA LEU C 5 -27.00 12.90 2.55
C LEU C 5 -26.05 13.68 3.44
N LEU C 6 -25.41 12.98 4.37
CA LEU C 6 -24.46 13.64 5.25
C LEU C 6 -23.05 13.28 4.83
N ASP C 7 -22.18 14.27 4.84
CA ASP C 7 -20.80 14.03 4.47
C ASP C 7 -19.93 13.65 5.63
N LEU C 8 -19.16 12.59 5.47
CA LEU C 8 -18.28 12.17 6.54
C LEU C 8 -16.90 12.79 6.38
N ALA C 9 -16.32 13.23 7.49
CA ALA C 9 -14.98 13.80 7.48
C ALA C 9 -14.00 12.63 7.52
N PRO C 10 -13.15 12.49 6.48
CA PRO C 10 -12.18 11.40 6.42
C PRO C 10 -11.47 11.17 7.73
N GLU C 11 -11.22 12.25 8.46
CA GLU C 11 -10.54 12.15 9.75
C GLU C 11 -11.42 11.49 10.81
N ASP C 12 -12.71 11.36 10.53
CA ASP C 12 -13.66 10.75 11.48
C ASP C 12 -13.66 9.23 11.50
N LYS C 13 -13.49 8.70 12.70
CA LYS C 13 -13.47 7.28 12.98
C LYS C 13 -14.52 6.46 12.20
N GLU C 14 -15.69 7.04 11.98
CA GLU C 14 -16.76 6.38 11.25
C GLU C 14 -16.40 6.25 9.76
N TYR C 15 -15.84 7.32 9.18
CA TYR C 15 -15.42 7.27 7.79
C TYR C 15 -14.30 6.23 7.70
N GLN C 16 -13.31 6.35 8.58
CA GLN C 16 -12.16 5.45 8.60
C GLN C 16 -12.59 4.02 8.86
N SER C 17 -13.66 3.88 9.61
CA SER C 17 -14.18 2.57 9.93
C SER C 17 -14.79 1.91 8.70
N VAL C 18 -15.52 2.69 7.93
CA VAL C 18 -16.17 2.17 6.74
C VAL C 18 -15.17 1.82 5.66
N GLU C 19 -14.30 2.76 5.34
CA GLU C 19 -13.30 2.53 4.31
C GLU C 19 -12.44 1.34 4.70
N GLU C 20 -12.11 1.25 5.99
CA GLU C 20 -11.28 0.16 6.47
C GLU C 20 -11.91 -1.19 6.11
N GLU C 21 -13.20 -1.32 6.40
CA GLU C 21 -13.95 -2.54 6.11
C GLU C 21 -14.03 -2.74 4.59
N MET C 22 -14.41 -1.69 3.87
CA MET C 22 -14.49 -1.78 2.41
C MET C 22 -13.18 -2.25 1.78
N GLN C 23 -12.07 -1.74 2.30
CA GLN C 23 -10.72 -2.07 1.81
C GLN C 23 -10.28 -3.49 2.14
N SER C 24 -10.42 -3.88 3.40
CA SER C 24 -10.00 -5.20 3.82
C SER C 24 -10.85 -6.37 3.34
N THR C 25 -12.12 -6.14 3.04
CA THR C 25 -12.97 -7.23 2.58
C THR C 25 -12.70 -7.57 1.13
N ILE C 26 -11.80 -6.82 0.50
CA ILE C 26 -11.46 -7.08 -0.87
C ILE C 26 -10.72 -8.42 -0.95
N ARG C 27 -10.96 -9.11 -2.06
CA ARG C 27 -10.29 -10.37 -2.36
C ARG C 27 -9.96 -10.39 -3.86
N GLU C 28 -8.77 -10.90 -4.17
CA GLU C 28 -8.27 -10.98 -5.54
C GLU C 28 -8.14 -12.43 -5.93
N HIS C 29 -7.94 -13.32 -4.95
CA HIS C 29 -7.74 -14.68 -5.35
C HIS C 29 -8.84 -15.69 -5.03
N ARG C 30 -10.05 -15.19 -4.88
CA ARG C 30 -11.20 -16.07 -4.61
C ARG C 30 -11.90 -16.14 -5.96
N ASP C 31 -11.83 -15.02 -6.67
CA ASP C 31 -12.51 -14.96 -7.96
C ASP C 31 -11.64 -14.89 -9.21
N GLY C 32 -12.36 -14.94 -10.34
CA GLY C 32 -11.72 -14.88 -11.63
C GLY C 32 -12.68 -14.16 -12.57
N ALA C 35 -14.83 -9.66 -13.54
CA ALA C 35 -16.16 -9.09 -13.77
C ALA C 35 -16.21 -7.63 -13.32
N GLY C 36 -15.54 -7.33 -12.22
CA GLY C 36 -15.52 -5.96 -11.72
C GLY C 36 -14.20 -5.26 -11.91
N GLY C 37 -13.27 -5.89 -12.64
CA GLY C 37 -11.95 -5.31 -12.87
C GLY C 37 -10.82 -6.09 -12.22
N ILE C 38 -9.62 -5.51 -12.26
CA ILE C 38 -8.42 -6.11 -11.65
C ILE C 38 -7.87 -5.10 -10.65
N PHE C 39 -7.73 -5.47 -9.39
CA PHE C 39 -7.23 -4.49 -8.43
C PHE C 39 -7.10 -5.07 -7.04
N ASN C 40 -6.60 -4.26 -6.13
CA ASN C 40 -6.44 -4.73 -4.77
C ASN C 40 -6.67 -3.59 -3.76
N ARG C 41 -7.02 -2.42 -4.28
CA ARG C 41 -7.26 -1.28 -3.42
C ARG C 41 -8.32 -0.36 -4.06
N TYR C 42 -8.95 0.47 -3.24
CA TYR C 42 -9.94 1.40 -3.77
C TYR C 42 -9.48 2.79 -3.46
N ASN C 43 -9.77 3.73 -4.34
CA ASN C 43 -9.45 5.10 -4.04
C ASN C 43 -10.81 5.64 -3.61
N VAL C 44 -11.02 5.74 -2.30
CA VAL C 44 -12.30 6.22 -1.79
C VAL C 44 -12.39 7.74 -1.89
N ILE C 45 -13.23 8.19 -2.81
CA ILE C 45 -13.42 9.60 -3.05
C ILE C 45 -14.40 10.24 -2.08
N ARG C 46 -15.46 9.50 -1.75
CA ARG C 46 -16.46 10.10 -0.88
C ARG C 46 -17.30 9.08 -0.17
N ILE C 47 -17.70 9.43 1.04
CA ILE C 47 -18.54 8.58 1.86
C ILE C 47 -19.61 9.46 2.47
N GLN C 48 -20.88 9.07 2.32
CA GLN C 48 -21.97 9.84 2.88
C GLN C 48 -22.97 9.03 3.72
N LYS C 49 -23.41 9.57 4.85
CA LYS C 49 -24.37 8.82 5.63
C LYS C 49 -25.76 9.07 5.03
N VAL C 50 -26.53 8.00 4.81
CA VAL C 50 -27.87 8.14 4.25
C VAL C 50 -28.91 8.21 5.37
N VAL C 51 -29.68 9.30 5.39
CA VAL C 51 -30.71 9.51 6.38
C VAL C 51 -32.08 9.77 5.75
N ASN C 52 -33.05 8.94 6.15
CA ASN C 52 -34.42 9.01 5.64
C ASN C 52 -35.36 8.45 6.71
N LYS C 53 -36.06 9.36 7.37
CA LYS C 53 -36.97 9.02 8.43
C LYS C 53 -37.99 7.93 8.10
N LYS C 54 -38.77 8.10 7.04
CA LYS C 54 -39.75 7.05 6.79
C LYS C 54 -39.11 5.72 6.48
N LEU C 55 -37.96 5.72 5.81
CA LEU C 55 -37.30 4.46 5.53
C LEU C 55 -36.80 3.86 6.87
N ARG C 56 -36.23 4.69 7.77
CA ARG C 56 -35.74 4.12 9.00
C ARG C 56 -36.84 3.41 9.75
N GLU C 57 -38.04 3.97 9.68
CA GLU C 57 -39.20 3.39 10.36
C GLU C 57 -39.56 2.02 9.80
N ARG C 58 -39.75 1.93 8.48
CA ARG C 58 -40.11 0.65 7.85
C ARG C 58 -39.11 -0.39 8.29
N PHE C 59 -37.83 -0.01 8.25
CA PHE C 59 -36.76 -0.91 8.63
C PHE C 59 -36.84 -1.35 10.10
N CYS C 60 -37.00 -0.41 11.02
CA CYS C 60 -37.08 -0.76 12.45
C CYS C 60 -38.32 -1.58 12.78
N HIS C 61 -39.40 -1.33 12.07
CA HIS C 61 -40.62 -2.08 12.33
C HIS C 61 -40.43 -3.53 11.86
N ARG C 62 -39.81 -3.72 10.70
CA ARG C 62 -39.59 -5.06 10.22
C ARG C 62 -38.62 -5.78 11.15
N GLN C 63 -37.66 -5.02 11.68
CA GLN C 63 -36.66 -5.60 12.56
C GLN C 63 -37.27 -6.24 13.81
N LYS C 64 -38.30 -5.59 14.35
CA LYS C 64 -38.99 -6.09 15.51
C LYS C 64 -39.80 -7.30 15.12
N GLU C 65 -40.51 -7.18 13.98
CA GLU C 65 -41.33 -8.29 13.48
C GLU C 65 -40.37 -9.49 13.41
N VAL C 66 -39.16 -9.25 12.91
CA VAL C 66 -38.19 -10.31 12.79
C VAL C 66 -37.75 -10.85 14.16
N SER C 67 -37.50 -9.96 15.11
CA SER C 67 -37.12 -10.36 16.48
C SER C 67 -38.18 -11.24 17.14
N GLU C 68 -39.46 -10.87 16.96
CA GLU C 68 -40.57 -11.65 17.52
C GLU C 68 -40.30 -13.07 17.02
N GLU C 69 -40.35 -13.22 15.69
CA GLU C 69 -40.17 -14.51 15.01
C GLU C 69 -38.85 -15.27 15.15
N ASN C 70 -37.85 -14.69 15.80
CA ASN C 70 -36.57 -15.38 15.90
C ASN C 70 -35.96 -15.32 17.31
N HIS C 71 -36.78 -15.54 18.33
CA HIS C 71 -36.31 -15.52 19.72
C HIS C 71 -35.58 -14.26 20.10
N ASN C 72 -36.11 -13.14 19.64
CA ASN C 72 -35.55 -11.83 19.94
C ASN C 72 -34.13 -11.62 19.52
N HIS C 73 -33.80 -12.18 18.37
CA HIS C 73 -32.49 -12.03 17.74
C HIS C 73 -32.76 -11.58 16.30
N HIS C 74 -32.70 -10.27 16.03
CA HIS C 74 -32.94 -9.84 14.64
C HIS C 74 -31.76 -10.16 13.74
N ASN C 75 -30.56 -10.16 14.32
CA ASN C 75 -29.35 -10.54 13.58
C ASN C 75 -28.88 -9.54 12.52
N GLU C 76 -28.77 -8.27 12.90
CA GLU C 76 -28.35 -7.22 11.99
C GLU C 76 -26.88 -7.37 11.64
N ARG C 77 -26.55 -7.23 10.36
CA ARG C 77 -25.19 -7.37 9.88
C ARG C 77 -24.94 -6.26 8.86
N MET C 78 -23.71 -5.74 8.81
CA MET C 78 -23.37 -4.70 7.82
C MET C 78 -22.90 -5.42 6.57
N LEU C 79 -23.56 -5.16 5.44
CA LEU C 79 -23.19 -5.80 4.18
C LEU C 79 -23.14 -4.83 3.00
N PHE C 80 -22.23 -5.10 2.06
CA PHE C 80 -22.11 -4.25 0.89
C PHE C 80 -23.10 -4.61 -0.18
N HIS C 81 -23.49 -3.63 -0.98
CA HIS C 81 -24.42 -3.88 -2.07
C HIS C 81 -24.12 -3.06 -3.32
N GLY C 82 -24.04 -3.76 -4.44
CA GLY C 82 -23.78 -3.10 -5.69
C GLY C 82 -24.87 -3.37 -6.70
N SER C 83 -25.20 -2.35 -7.50
CA SER C 83 -26.22 -2.44 -8.55
C SER C 83 -26.34 -1.09 -9.24
N PRO C 84 -26.90 -1.08 -10.46
CA PRO C 84 -27.05 0.16 -11.21
C PRO C 84 -28.22 1.03 -10.69
N PHE C 85 -28.81 0.63 -9.57
CA PHE C 85 -29.95 1.37 -9.04
C PHE C 85 -29.76 2.04 -7.69
N ILE C 86 -28.51 2.39 -7.36
CA ILE C 86 -28.19 3.02 -6.08
C ILE C 86 -28.93 4.33 -5.85
N ASN C 87 -28.91 5.20 -6.85
CA ASN C 87 -29.59 6.47 -6.66
C ASN C 87 -31.09 6.34 -6.36
N ALA C 88 -31.71 5.31 -6.93
CA ALA C 88 -33.12 5.06 -6.69
C ALA C 88 -33.25 4.45 -5.30
N ILE C 89 -32.30 3.58 -4.98
CA ILE C 89 -32.32 2.91 -3.69
C ILE C 89 -32.16 3.82 -2.50
N ILE C 90 -31.29 4.83 -2.60
CA ILE C 90 -31.10 5.69 -1.47
C ILE C 90 -32.24 6.66 -1.25
N HIS C 91 -33.09 6.85 -2.25
CA HIS C 91 -34.19 7.78 -2.12
C HIS C 91 -35.49 7.11 -1.72
N LYS C 92 -35.74 5.95 -2.32
CA LYS C 92 -36.94 5.17 -2.07
C LYS C 92 -36.72 3.90 -1.23
N GLY C 93 -35.46 3.53 -1.03
CA GLY C 93 -35.16 2.34 -0.24
C GLY C 93 -35.15 1.07 -1.09
N PHE C 94 -34.69 -0.03 -0.53
CA PHE C 94 -34.69 -1.28 -1.28
C PHE C 94 -36.12 -1.72 -1.59
N ASP C 95 -36.33 -2.34 -2.76
CA ASP C 95 -37.67 -2.79 -3.16
C ASP C 95 -37.66 -4.12 -3.90
N GLU C 96 -38.19 -5.15 -3.25
CA GLU C 96 -38.26 -6.51 -3.80
C GLU C 96 -38.97 -6.58 -5.15
N ARG C 97 -39.85 -5.62 -5.44
CA ARG C 97 -40.55 -5.60 -6.71
C ARG C 97 -39.64 -5.34 -7.93
N HIS C 98 -38.41 -4.90 -7.67
CA HIS C 98 -37.39 -4.61 -8.72
C HIS C 98 -36.25 -5.61 -8.55
N ALA C 99 -36.60 -6.73 -7.93
CA ALA C 99 -35.64 -7.77 -7.63
C ALA C 99 -35.03 -8.49 -8.82
N TYR C 100 -33.80 -8.96 -8.58
CA TYR C 100 -33.01 -9.72 -9.55
C TYR C 100 -33.65 -11.14 -9.60
N ILE C 101 -34.50 -11.37 -10.61
CA ILE C 101 -35.21 -12.66 -10.85
C ILE C 101 -34.29 -13.76 -11.44
N GLY C 102 -33.13 -13.38 -11.97
CA GLY C 102 -32.22 -14.38 -12.53
C GLY C 102 -31.19 -14.83 -11.52
N GLY C 103 -31.41 -14.43 -10.28
CA GLY C 103 -30.49 -14.78 -9.21
C GLY C 103 -30.26 -16.25 -8.86
N MET C 104 -29.14 -16.54 -8.17
CA MET C 104 -28.74 -17.90 -7.75
C MET C 104 -29.79 -18.54 -6.85
N PHE C 105 -30.39 -17.68 -6.03
CA PHE C 105 -31.43 -18.05 -5.07
C PHE C 105 -32.71 -17.26 -5.34
N GLY C 106 -32.93 -16.96 -6.62
CA GLY C 106 -34.15 -16.29 -7.01
C GLY C 106 -34.27 -14.79 -7.17
N ALA C 107 -35.49 -14.32 -6.88
CA ALA C 107 -35.86 -12.91 -6.98
C ALA C 107 -35.84 -12.24 -5.60
N GLY C 108 -34.61 -11.95 -5.14
CA GLY C 108 -34.40 -11.30 -3.85
C GLY C 108 -33.47 -10.10 -4.04
N ILE C 109 -33.01 -9.47 -2.95
CA ILE C 109 -32.08 -8.34 -3.04
C ILE C 109 -30.80 -8.96 -2.49
N TYR C 110 -29.71 -8.82 -3.22
CA TYR C 110 -28.44 -9.44 -2.85
C TYR C 110 -27.38 -8.56 -2.17
N PHE C 111 -26.71 -9.13 -1.18
CA PHE C 111 -25.65 -8.43 -0.44
C PHE C 111 -24.45 -9.34 -0.32
N ALA C 112 -23.31 -8.76 0.03
CA ALA C 112 -22.09 -9.52 0.19
C ALA C 112 -21.32 -8.96 1.37
N GLU C 113 -20.49 -9.78 2.00
CA GLU C 113 -19.69 -9.31 3.11
C GLU C 113 -18.34 -8.83 2.58
N ASN C 114 -18.14 -9.05 1.27
CA ASN C 114 -16.92 -8.63 0.59
C ASN C 114 -17.21 -7.55 -0.46
N SER C 115 -16.60 -6.38 -0.29
CA SER C 115 -16.81 -5.27 -1.21
C SER C 115 -16.42 -5.64 -2.64
N SER C 116 -15.37 -6.44 -2.81
CA SER C 116 -14.95 -6.84 -4.15
C SER C 116 -16.06 -7.61 -4.87
N LYS C 117 -16.90 -8.33 -4.11
CA LYS C 117 -17.99 -9.08 -4.72
C LYS C 117 -19.14 -8.18 -5.16
N SER C 118 -19.49 -7.20 -4.33
CA SER C 118 -20.56 -6.27 -4.68
C SER C 118 -20.14 -5.36 -5.84
N ASN C 119 -18.84 -5.16 -5.99
CA ASN C 119 -18.29 -4.33 -7.05
C ASN C 119 -18.46 -4.98 -8.41
N GLN C 120 -18.67 -6.29 -8.42
CA GLN C 120 -18.84 -7.01 -9.67
C GLN C 120 -20.22 -6.74 -10.27
N TYR C 121 -21.10 -6.08 -9.52
CA TYR C 121 -22.45 -5.79 -9.99
C TYR C 121 -22.78 -4.32 -10.19
N VAL C 122 -21.86 -3.44 -9.81
CA VAL C 122 -22.08 -2.01 -9.96
C VAL C 122 -22.59 -1.61 -11.37
N TYR C 123 -22.20 -2.37 -12.39
CA TYR C 123 -22.63 -2.08 -13.75
C TYR C 123 -23.61 -3.12 -14.33
N GLY C 124 -23.92 -4.16 -13.57
CA GLY C 124 -24.83 -5.19 -14.06
C GLY C 124 -24.31 -6.60 -13.82
N ILE C 125 -25.18 -7.58 -14.03
CA ILE C 125 -24.84 -8.99 -13.83
C ILE C 125 -23.55 -9.39 -14.55
N GLY C 126 -22.58 -9.87 -13.78
CA GLY C 126 -21.31 -10.28 -14.36
C GLY C 126 -20.51 -9.11 -14.89
N GLY C 127 -20.89 -7.89 -14.47
CA GLY C 127 -20.17 -6.70 -14.90
C GLY C 127 -20.77 -5.95 -16.08
N GLY C 128 -22.01 -6.29 -16.45
CA GLY C 128 -22.64 -5.63 -17.58
C GLY C 128 -21.60 -5.42 -18.68
N THR C 129 -21.66 -4.27 -19.35
CA THR C 129 -20.70 -3.99 -20.41
C THR C 129 -19.65 -3.03 -19.87
N GLY C 130 -19.61 -2.87 -18.55
CA GLY C 130 -18.64 -1.97 -17.94
C GLY C 130 -19.10 -0.52 -17.92
N CYS C 131 -18.18 0.41 -17.67
CA CYS C 131 -18.53 1.82 -17.64
C CYS C 131 -19.33 2.21 -18.90
N PRO C 132 -20.25 3.19 -18.77
CA PRO C 132 -21.04 3.60 -19.94
C PRO C 132 -20.17 4.25 -21.01
N THR C 133 -19.08 4.86 -20.57
CA THR C 133 -18.18 5.56 -21.48
C THR C 133 -17.16 4.72 -22.25
N HIS C 134 -16.46 3.78 -21.59
CA HIS C 134 -15.47 2.97 -22.32
C HIS C 134 -15.82 1.51 -22.39
N LYS C 135 -17.04 1.14 -22.02
CA LYS C 135 -17.41 -0.27 -22.11
C LYS C 135 -16.25 -1.11 -21.60
N ASP C 136 -15.68 -0.68 -20.48
CA ASP C 136 -14.55 -1.37 -19.85
C ASP C 136 -14.93 -1.82 -18.44
N ARG C 137 -14.87 -3.11 -18.17
CA ARG C 137 -15.27 -3.54 -16.85
C ARG C 137 -14.20 -3.14 -15.83
N SER C 138 -12.96 -2.94 -16.29
CA SER C 138 -11.84 -2.58 -15.40
C SER C 138 -11.36 -1.15 -15.47
N CYS C 139 -12.30 -0.27 -15.80
CA CYS C 139 -12.03 1.14 -15.86
C CYS C 139 -11.51 1.65 -14.52
N TYR C 140 -10.42 2.41 -14.54
CA TYR C 140 -9.85 2.95 -13.32
C TYR C 140 -10.10 4.44 -13.18
N ILE C 141 -10.99 4.96 -14.00
CA ILE C 141 -11.25 6.39 -13.96
C ILE C 141 -12.67 6.75 -13.52
N CYS C 142 -13.65 6.06 -14.09
CA CYS C 142 -15.04 6.36 -13.78
C CYS C 142 -15.39 6.10 -12.31
N HIS C 143 -16.08 7.05 -11.68
CA HIS C 143 -16.45 6.87 -10.27
C HIS C 143 -17.57 5.84 -10.12
N ARG C 144 -17.34 4.87 -9.25
CA ARG C 144 -18.32 3.83 -8.97
C ARG C 144 -18.98 4.16 -7.64
N GLN C 145 -20.16 3.59 -7.41
CA GLN C 145 -20.86 3.80 -6.16
C GLN C 145 -21.31 2.44 -5.72
N MET C 146 -21.39 2.26 -4.40
CA MET C 146 -21.89 1.02 -3.82
C MET C 146 -22.41 1.41 -2.43
N LEU C 147 -23.15 0.50 -1.82
CA LEU C 147 -23.72 0.75 -0.51
C LEU C 147 -23.20 -0.17 0.59
N PHE C 148 -23.09 0.37 1.79
CA PHE C 148 -22.68 -0.39 2.95
C PHE C 148 -23.93 -0.22 3.79
N CYS C 149 -24.71 -1.28 3.96
CA CYS C 149 -25.99 -1.19 4.69
C CYS C 149 -26.24 -2.16 5.86
N ARG C 150 -27.26 -1.81 6.66
CA ARG C 150 -27.70 -2.60 7.80
C ARG C 150 -28.63 -3.66 7.18
N VAL C 151 -28.38 -4.92 7.44
CA VAL C 151 -29.26 -5.93 6.85
C VAL C 151 -29.79 -6.90 7.91
N THR C 152 -31.11 -6.86 8.09
CA THR C 152 -31.75 -7.74 9.06
C THR C 152 -31.84 -9.13 8.46
N LEU C 153 -31.08 -10.08 8.99
CA LEU C 153 -31.09 -11.45 8.45
C LEU C 153 -32.05 -12.40 9.14
N GLY C 154 -32.35 -12.14 10.41
CA GLY C 154 -33.22 -13.02 11.17
C GLY C 154 -32.64 -14.41 11.10
N LYS C 155 -33.48 -15.41 10.89
CA LYS C 155 -32.98 -16.77 10.80
C LYS C 155 -32.53 -16.97 9.34
N SER C 156 -31.32 -17.50 9.16
CA SER C 156 -30.79 -17.70 7.82
C SER C 156 -30.85 -19.14 7.37
N PHE C 157 -31.31 -19.34 6.15
CA PHE C 157 -31.40 -20.68 5.60
C PHE C 157 -30.20 -20.87 4.67
N LEU C 158 -29.22 -21.64 5.12
CA LEU C 158 -28.01 -21.87 4.35
C LEU C 158 -28.19 -22.84 3.16
N GLN C 159 -27.54 -22.53 2.05
CA GLN C 159 -27.54 -23.41 0.89
C GLN C 159 -26.34 -23.14 0.02
N PHE C 160 -25.90 -24.15 -0.70
CA PHE C 160 -24.67 -24.02 -1.44
C PHE C 160 -24.79 -24.06 -2.94
N SER C 161 -25.90 -24.60 -3.38
CA SER C 161 -26.17 -24.72 -4.79
C SER C 161 -27.36 -23.81 -5.15
N THR C 162 -27.62 -23.67 -6.45
CA THR C 162 -28.66 -22.78 -7.01
C THR C 162 -30.15 -23.23 -7.05
N MET C 163 -30.90 -22.91 -6.00
CA MET C 163 -32.36 -23.20 -5.91
C MET C 163 -33.05 -21.82 -6.05
N LYS C 164 -33.84 -21.60 -7.10
CA LYS C 164 -34.49 -20.29 -7.28
C LYS C 164 -35.74 -20.11 -6.43
N MET C 165 -35.73 -19.05 -5.63
CA MET C 165 -36.80 -18.75 -4.73
C MET C 165 -37.55 -17.49 -4.99
N ALA C 166 -38.69 -17.39 -4.33
CA ALA C 166 -39.51 -16.21 -4.47
C ALA C 166 -39.67 -15.52 -3.12
N HIS C 167 -39.53 -16.31 -2.05
CA HIS C 167 -39.63 -15.80 -0.69
C HIS C 167 -38.64 -16.61 0.14
N ALA C 168 -38.34 -16.19 1.38
CA ALA C 168 -37.42 -16.98 2.19
C ALA C 168 -38.19 -18.22 2.64
N PRO C 169 -37.51 -19.36 2.86
CA PRO C 169 -38.12 -20.61 3.30
C PRO C 169 -38.93 -20.38 4.58
N PRO C 170 -39.88 -21.28 4.87
CA PRO C 170 -40.69 -21.13 6.07
C PRO C 170 -39.80 -21.04 7.32
N GLY C 171 -40.17 -20.17 8.24
CA GLY C 171 -39.41 -20.00 9.47
C GLY C 171 -38.12 -19.22 9.35
N HIS C 172 -37.74 -18.86 8.13
CA HIS C 172 -36.53 -18.10 7.92
C HIS C 172 -36.81 -16.70 7.36
N HIS C 173 -35.80 -15.85 7.44
CA HIS C 173 -35.93 -14.48 6.99
C HIS C 173 -34.92 -14.10 5.94
N SER C 174 -34.03 -15.02 5.63
CA SER C 174 -32.99 -14.76 4.65
C SER C 174 -32.31 -16.03 4.21
N VAL C 175 -31.62 -15.95 3.08
CA VAL C 175 -30.89 -17.08 2.54
C VAL C 175 -29.41 -16.70 2.37
N ILE C 176 -28.53 -17.55 2.87
CA ILE C 176 -27.09 -17.33 2.73
C ILE C 176 -26.56 -18.43 1.82
N GLY C 177 -25.95 -18.02 0.74
CA GLY C 177 -25.38 -18.99 -0.18
C GLY C 177 -23.91 -18.97 0.11
N ARG C 178 -23.37 -20.14 0.47
CA ARG C 178 -21.96 -20.16 0.80
C ARG C 178 -20.96 -20.85 -0.11
N PRO C 179 -19.72 -20.36 -0.09
CA PRO C 179 -18.60 -20.87 -0.88
C PRO C 179 -18.35 -22.38 -0.73
N SER C 180 -18.28 -23.05 -1.89
CA SER C 180 -18.02 -24.49 -2.06
C SER C 180 -16.90 -24.44 -3.13
N VAL C 181 -16.28 -25.60 -3.42
CA VAL C 181 -15.19 -25.72 -4.41
C VAL C 181 -15.72 -25.80 -5.85
N ASN C 182 -16.76 -26.59 -6.12
CA ASN C 182 -17.35 -26.63 -7.46
C ASN C 182 -18.41 -25.54 -7.31
N GLY C 183 -18.46 -25.00 -6.08
CA GLY C 183 -19.45 -24.01 -5.72
C GLY C 183 -19.05 -22.55 -5.71
N LEU C 184 -19.68 -21.77 -4.82
CA LEU C 184 -19.48 -20.32 -4.68
C LEU C 184 -18.08 -19.90 -4.27
N ALA C 185 -17.70 -18.71 -4.70
CA ALA C 185 -16.41 -18.13 -4.39
C ALA C 185 -16.55 -17.19 -3.21
N TYR C 186 -17.68 -16.47 -3.16
CA TYR C 186 -17.95 -15.53 -2.08
C TYR C 186 -19.27 -15.85 -1.41
N ALA C 187 -19.46 -15.37 -0.19
CA ALA C 187 -20.71 -15.56 0.52
C ALA C 187 -21.69 -14.54 -0.06
N GLU C 188 -22.95 -14.92 -0.27
CA GLU C 188 -23.93 -13.93 -0.72
C GLU C 188 -25.15 -14.03 0.17
N TYR C 189 -25.63 -12.88 0.61
CA TYR C 189 -26.77 -12.83 1.51
C TYR C 189 -28.01 -12.31 0.77
N VAL C 190 -29.07 -13.11 0.78
CA VAL C 190 -30.28 -12.70 0.09
C VAL C 190 -31.49 -12.48 0.99
N ILE C 191 -32.18 -11.37 0.78
CA ILE C 191 -33.38 -11.09 1.54
C ILE C 191 -34.50 -10.96 0.51
N TYR C 192 -35.74 -11.05 0.94
CA TYR C 192 -36.85 -10.99 -0.01
C TYR C 192 -37.85 -9.90 0.32
N ARG C 193 -37.41 -8.96 1.15
CA ARG C 193 -38.20 -7.81 1.57
C ARG C 193 -37.36 -6.56 1.64
N GLY C 194 -37.66 -5.59 0.80
CA GLY C 194 -36.90 -4.36 0.81
C GLY C 194 -36.67 -3.70 2.17
N GLU C 195 -37.62 -3.82 3.08
CA GLU C 195 -37.46 -3.21 4.39
C GLU C 195 -36.54 -3.98 5.35
N GLN C 196 -35.95 -5.07 4.90
CA GLN C 196 -35.05 -5.77 5.80
C GLN C 196 -33.64 -5.18 5.75
N ALA C 197 -33.43 -4.23 4.85
CA ALA C 197 -32.13 -3.58 4.74
C ALA C 197 -32.27 -2.06 4.70
N TYR C 198 -31.26 -1.37 5.17
CA TYR C 198 -31.27 0.09 5.18
C TYR C 198 -29.91 0.58 4.66
N PRO C 199 -29.91 1.27 3.50
CA PRO C 199 -28.69 1.79 2.88
C PRO C 199 -27.99 2.88 3.72
N GLU C 200 -27.23 2.45 4.72
CA GLU C 200 -26.52 3.34 5.63
C GLU C 200 -25.47 4.27 5.07
N TYR C 201 -24.59 3.75 4.23
CA TYR C 201 -23.53 4.56 3.67
C TYR C 201 -23.46 4.50 2.16
N LEU C 202 -23.26 5.66 1.54
CA LEU C 202 -23.14 5.76 0.10
C LEU C 202 -21.66 5.98 -0.16
N ILE C 203 -21.06 5.06 -0.89
CA ILE C 203 -19.63 5.15 -1.16
C ILE C 203 -19.30 5.44 -2.62
N THR C 204 -18.62 6.56 -2.84
CA THR C 204 -18.18 6.96 -4.18
C THR C 204 -16.71 6.60 -4.22
N TYR C 205 -16.31 5.84 -5.23
CA TYR C 205 -14.91 5.42 -5.29
C TYR C 205 -14.47 5.06 -6.68
N GLN C 206 -13.21 4.64 -6.79
CA GLN C 206 -12.62 4.20 -8.04
C GLN C 206 -11.82 2.97 -7.67
N ILE C 207 -11.65 2.05 -8.60
CA ILE C 207 -10.81 0.90 -8.30
C ILE C 207 -9.43 1.43 -8.69
N MET C 208 -8.38 0.97 -8.02
CA MET C 208 -7.04 1.48 -8.34
C MET C 208 -6.21 0.49 -9.14
N LYS C 209 -5.40 1.00 -10.07
CA LYS C 209 -4.59 0.08 -10.86
C LYS C 209 -3.50 -0.49 -9.95
N PRO C 210 -3.29 -1.82 -10.01
CA PRO C 210 -2.28 -2.54 -9.21
C PRO C 210 -0.87 -2.03 -9.48
N GLU C 211 -0.27 -1.36 -8.50
CA GLU C 211 1.07 -0.78 -8.68
C GLU C 211 2.08 -1.81 -9.23
N GLN D 1 8.12 29.73 1.59
CA GLN D 1 9.29 29.71 0.68
C GLN D 1 9.02 29.03 -0.66
N GLY D 2 7.84 28.43 -0.77
CA GLY D 2 7.46 27.78 -2.00
C GLY D 2 6.15 28.40 -2.42
N THR D 3 5.43 27.73 -3.31
CA THR D 3 4.15 28.25 -3.76
C THR D 3 3.02 27.78 -2.87
N ILE D 4 2.08 28.68 -2.60
CA ILE D 4 0.93 28.34 -1.79
C ILE D 4 -0.27 28.46 -2.72
N LEU D 5 -1.09 27.43 -2.79
CA LEU D 5 -2.27 27.46 -3.63
C LEU D 5 -3.46 27.87 -2.77
N LEU D 6 -4.19 28.90 -3.20
CA LEU D 6 -5.35 29.35 -2.46
C LEU D 6 -6.65 29.04 -3.19
N ASP D 7 -7.53 28.31 -2.52
CA ASP D 7 -8.81 27.93 -3.10
C ASP D 7 -9.83 29.04 -3.17
N LEU D 8 -10.43 29.19 -4.34
CA LEU D 8 -11.45 30.22 -4.54
C LEU D 8 -12.84 29.61 -4.40
N ALA D 9 -13.69 30.29 -3.66
CA ALA D 9 -15.05 29.83 -3.48
C ALA D 9 -15.82 30.09 -4.75
N PRO D 10 -16.52 29.07 -5.27
CA PRO D 10 -17.27 29.33 -6.50
C PRO D 10 -18.28 30.46 -6.41
N GLU D 11 -18.50 30.98 -5.20
CA GLU D 11 -19.41 32.10 -5.02
C GLU D 11 -18.59 33.37 -5.15
N ASP D 12 -17.28 33.23 -5.07
CA ASP D 12 -16.35 34.34 -5.13
C ASP D 12 -16.47 35.14 -6.47
N LYS D 13 -16.68 36.47 -6.40
CA LYS D 13 -16.89 37.22 -7.65
C LYS D 13 -15.65 36.98 -8.52
N GLU D 14 -14.52 36.76 -7.85
CA GLU D 14 -13.27 36.52 -8.54
C GLU D 14 -13.21 35.15 -9.27
N TYR D 15 -13.79 34.12 -8.66
CA TYR D 15 -13.84 32.79 -9.24
C TYR D 15 -14.75 32.87 -10.47
N GLN D 16 -15.91 33.50 -10.31
CA GLN D 16 -16.86 33.65 -11.40
C GLN D 16 -16.26 34.43 -12.55
N SER D 17 -15.44 35.41 -12.21
CA SER D 17 -14.78 36.23 -13.21
C SER D 17 -13.87 35.37 -14.07
N VAL D 18 -13.08 34.50 -13.43
CA VAL D 18 -12.17 33.65 -14.17
C VAL D 18 -12.91 32.67 -15.07
N GLU D 19 -13.85 31.94 -14.48
CA GLU D 19 -14.65 30.99 -15.22
C GLU D 19 -15.37 31.65 -16.39
N GLU D 20 -15.88 32.85 -16.19
CA GLU D 20 -16.57 33.52 -17.27
C GLU D 20 -15.62 33.71 -18.45
N GLU D 21 -14.44 34.26 -18.20
CA GLU D 21 -13.52 34.44 -19.30
C GLU D 21 -13.11 33.09 -19.90
N MET D 22 -12.92 32.08 -19.05
CA MET D 22 -12.57 30.77 -19.53
C MET D 22 -13.64 30.20 -20.49
N GLN D 23 -14.90 30.40 -20.12
CA GLN D 23 -16.02 29.90 -20.92
C GLN D 23 -16.35 30.74 -22.14
N SER D 24 -16.34 32.07 -22.01
CA SER D 24 -16.69 32.86 -23.18
C SER D 24 -15.62 32.97 -24.27
N THR D 25 -14.35 32.75 -23.91
CA THR D 25 -13.28 32.80 -24.89
C THR D 25 -13.21 31.51 -25.69
N ILE D 26 -14.12 30.59 -25.41
CA ILE D 26 -14.14 29.34 -26.16
C ILE D 26 -14.63 29.61 -27.56
N ARG D 27 -14.04 28.90 -28.52
CA ARG D 27 -14.45 29.01 -29.91
C ARG D 27 -14.48 27.61 -30.52
N GLU D 28 -15.52 27.32 -31.28
CA GLU D 28 -15.65 26.01 -31.93
C GLU D 28 -15.62 26.18 -33.45
N HIS D 29 -15.91 27.37 -33.97
CA HIS D 29 -15.93 27.52 -35.43
C HIS D 29 -14.80 28.26 -36.16
N ARG D 30 -13.60 28.27 -35.60
CA ARG D 30 -12.47 28.92 -36.29
C ARG D 30 -11.32 27.92 -36.52
N ASP D 31 -11.44 26.72 -35.97
CA ASP D 31 -10.38 25.73 -36.12
C ASP D 31 -10.73 24.32 -35.66
N GLY D 32 -9.89 23.41 -36.16
CA GLY D 32 -9.95 22.00 -35.89
C GLY D 32 -8.55 21.59 -36.29
N ASN D 34 -10.27 18.96 -32.93
CA ASN D 34 -9.38 17.83 -33.19
C ASN D 34 -8.22 17.86 -32.24
N ALA D 35 -7.60 19.03 -32.12
CA ALA D 35 -6.47 19.19 -31.24
C ALA D 35 -6.90 18.96 -29.80
N GLY D 36 -7.78 19.84 -29.31
CA GLY D 36 -8.27 19.74 -27.95
C GLY D 36 -9.53 18.94 -27.79
N GLY D 37 -10.19 18.68 -28.91
CA GLY D 37 -11.43 17.92 -28.88
C GLY D 37 -12.66 18.65 -29.37
N ILE D 38 -13.82 18.02 -29.19
CA ILE D 38 -15.08 18.59 -29.63
C ILE D 38 -15.92 18.95 -28.41
N PHE D 39 -16.15 20.24 -28.19
CA PHE D 39 -16.96 20.62 -27.03
C PHE D 39 -17.38 22.06 -27.21
N ASN D 40 -18.20 22.56 -26.31
CA ASN D 40 -18.56 23.95 -26.44
C ASN D 40 -18.64 24.60 -25.08
N ARG D 41 -18.36 23.83 -24.04
CA ARG D 41 -18.38 24.35 -22.69
C ARG D 41 -17.41 23.52 -21.84
N TYR D 42 -17.01 24.04 -20.68
CA TYR D 42 -16.09 23.31 -19.79
C TYR D 42 -16.78 23.02 -18.48
N ASN D 43 -16.42 21.91 -17.85
CA ASN D 43 -16.96 21.63 -16.53
C ASN D 43 -15.82 22.03 -15.60
N VAL D 44 -15.94 23.21 -15.00
CA VAL D 44 -14.90 23.67 -14.10
C VAL D 44 -15.03 22.94 -12.77
N ILE D 45 -13.94 22.33 -12.33
CA ILE D 45 -13.90 21.58 -11.09
C ILE D 45 -13.24 22.40 -9.99
N ARG D 46 -12.21 23.16 -10.33
CA ARG D 46 -11.52 23.89 -9.30
C ARG D 46 -10.66 25.04 -9.84
N ILE D 47 -10.60 26.11 -9.04
CA ILE D 47 -9.83 27.30 -9.38
C ILE D 47 -9.01 27.70 -8.17
N GLN D 48 -7.69 27.71 -8.33
CA GLN D 48 -6.79 28.07 -7.25
C GLN D 48 -5.87 29.24 -7.60
N LYS D 49 -5.69 30.13 -6.64
CA LYS D 49 -4.80 31.27 -6.84
C LYS D 49 -3.39 30.80 -6.49
N VAL D 50 -2.41 31.23 -7.29
CA VAL D 50 -1.02 30.86 -7.06
C VAL D 50 -0.31 32.05 -6.40
N VAL D 51 0.42 31.78 -5.33
CA VAL D 51 1.14 32.83 -4.64
C VAL D 51 2.53 32.36 -4.29
N ASN D 52 3.52 32.98 -4.94
CA ASN D 52 4.93 32.67 -4.73
C ASN D 52 5.67 33.99 -4.67
N LYS D 53 6.16 34.32 -3.48
CA LYS D 53 6.86 35.56 -3.21
C LYS D 53 8.02 35.81 -4.16
N LYS D 54 8.83 34.78 -4.38
CA LYS D 54 9.97 34.94 -5.27
C LYS D 54 9.59 35.20 -6.73
N LEU D 55 8.55 34.52 -7.20
CA LEU D 55 8.11 34.69 -8.57
C LEU D 55 7.37 35.99 -8.72
N ARG D 56 6.70 36.46 -7.67
CA ARG D 56 6.00 37.73 -7.81
C ARG D 56 7.11 38.76 -7.97
N GLU D 57 8.21 38.59 -7.25
CA GLU D 57 9.33 39.52 -7.38
C GLU D 57 9.93 39.56 -8.80
N ARG D 58 10.41 38.42 -9.32
CA ARG D 58 10.99 38.41 -10.66
C ARG D 58 10.07 39.11 -11.64
N PHE D 59 8.80 38.74 -11.60
CA PHE D 59 7.81 39.33 -12.48
C PHE D 59 7.72 40.85 -12.37
N CYS D 60 7.53 41.37 -11.16
CA CYS D 60 7.43 42.82 -10.97
C CYS D 60 8.71 43.59 -11.29
N HIS D 61 9.87 42.97 -11.14
CA HIS D 61 11.09 43.67 -11.47
C HIS D 61 11.08 43.84 -12.98
N ARG D 62 10.93 42.72 -13.71
CA ARG D 62 10.89 42.78 -15.17
C ARG D 62 9.81 43.72 -15.65
N GLN D 63 8.62 43.60 -15.07
CA GLN D 63 7.53 44.45 -15.49
C GLN D 63 7.89 45.94 -15.52
N LYS D 64 8.70 46.42 -14.58
CA LYS D 64 9.07 47.83 -14.55
C LYS D 64 10.29 48.13 -15.42
N GLU D 65 11.05 47.09 -15.80
CA GLU D 65 12.19 47.32 -16.70
C GLU D 65 11.48 47.54 -18.03
N VAL D 66 10.48 46.72 -18.29
CA VAL D 66 9.73 46.84 -19.51
C VAL D 66 8.97 48.17 -19.57
N SER D 67 8.24 48.53 -18.51
CA SER D 67 7.52 49.79 -18.48
C SER D 67 8.47 50.91 -18.88
N GLU D 68 9.68 50.91 -18.35
CA GLU D 68 10.65 51.96 -18.72
C GLU D 68 11.11 51.87 -20.17
N GLU D 69 11.30 50.66 -20.69
CA GLU D 69 11.72 50.53 -22.10
C GLU D 69 10.54 50.81 -23.06
N ASN D 70 9.32 51.02 -22.56
CA ASN D 70 8.17 51.20 -23.46
C ASN D 70 7.31 52.42 -23.12
N HIS D 71 7.96 53.48 -22.68
CA HIS D 71 7.31 54.73 -22.34
C HIS D 71 6.36 54.59 -21.18
N ASN D 72 6.72 53.75 -20.23
CA ASN D 72 5.91 53.53 -19.03
C ASN D 72 4.61 52.78 -19.27
N HIS D 73 4.57 51.96 -20.32
CA HIS D 73 3.41 51.13 -20.62
C HIS D 73 3.91 49.69 -20.63
N HIS D 74 3.71 48.97 -19.52
CA HIS D 74 4.18 47.59 -19.47
C HIS D 74 3.27 46.65 -20.25
N ASN D 75 2.03 47.09 -20.48
CA ASN D 75 1.09 46.32 -21.28
C ASN D 75 0.69 44.98 -20.67
N GLU D 76 0.22 44.97 -19.43
CA GLU D 76 -0.14 43.70 -18.82
C GLU D 76 -1.44 43.18 -19.40
N ARG D 77 -1.52 41.86 -19.53
CA ARG D 77 -2.69 41.23 -20.10
C ARG D 77 -2.88 39.82 -19.52
N MET D 78 -4.13 39.44 -19.30
CA MET D 78 -4.47 38.13 -18.75
C MET D 78 -4.67 37.12 -19.88
N LEU D 79 -3.82 36.10 -19.94
CA LEU D 79 -3.92 35.09 -20.99
C LEU D 79 -3.91 33.66 -20.48
N PHE D 80 -4.41 32.75 -21.29
CA PHE D 80 -4.45 31.33 -20.93
C PHE D 80 -3.20 30.62 -21.42
N HIS D 81 -2.82 29.58 -20.70
CA HIS D 81 -1.67 28.79 -21.08
C HIS D 81 -1.87 27.31 -20.75
N GLY D 82 -1.71 26.47 -21.76
CA GLY D 82 -1.85 25.05 -21.55
C GLY D 82 -0.59 24.36 -22.01
N SER D 83 -0.18 23.34 -21.25
CA SER D 83 1.00 22.54 -21.56
C SER D 83 1.11 21.39 -20.56
N PRO D 84 1.96 20.39 -20.86
CA PRO D 84 2.10 19.26 -19.94
C PRO D 84 2.99 19.59 -18.73
N PHE D 85 3.45 20.82 -18.63
CA PHE D 85 4.35 21.20 -17.54
C PHE D 85 3.80 22.19 -16.54
N ILE D 86 2.48 22.23 -16.41
CA ILE D 86 1.85 23.17 -15.49
C ILE D 86 2.34 23.03 -14.06
N ASN D 87 2.39 21.80 -13.56
CA ASN D 87 2.84 21.58 -12.18
C ASN D 87 4.26 22.10 -11.94
N ALA D 88 5.14 21.97 -12.93
CA ALA D 88 6.50 22.47 -12.79
C ALA D 88 6.45 24.00 -12.81
N ILE D 89 5.59 24.54 -13.66
CA ILE D 89 5.42 25.98 -13.83
C ILE D 89 4.89 26.73 -12.60
N ILE D 90 3.94 26.17 -11.87
CA ILE D 90 3.42 26.88 -10.71
C ILE D 90 4.39 26.84 -9.54
N HIS D 91 5.35 25.93 -9.57
CA HIS D 91 6.32 25.82 -8.49
C HIS D 91 7.62 26.57 -8.74
N LYS D 92 8.09 26.55 -9.98
CA LYS D 92 9.34 27.23 -10.30
C LYS D 92 9.13 28.42 -11.24
N GLY D 93 7.88 28.59 -11.71
CA GLY D 93 7.58 29.68 -12.63
C GLY D 93 7.99 29.39 -14.06
N PHE D 94 7.45 30.15 -15.02
CA PHE D 94 7.79 29.98 -16.44
C PHE D 94 9.30 30.12 -16.67
N ASP D 95 9.84 29.29 -17.54
CA ASP D 95 11.27 29.31 -17.82
C ASP D 95 11.52 29.10 -19.32
N GLU D 96 12.16 30.06 -19.97
CA GLU D 96 12.44 29.98 -21.41
C GLU D 96 13.50 28.92 -21.78
N ARG D 97 14.19 28.38 -20.79
CA ARG D 97 15.17 27.35 -21.07
C ARG D 97 14.46 26.03 -21.40
N HIS D 98 13.16 25.96 -21.06
CA HIS D 98 12.32 24.79 -21.34
C HIS D 98 11.34 25.20 -22.42
N ALA D 99 11.78 26.13 -23.26
CA ALA D 99 10.97 26.59 -24.37
C ALA D 99 11.62 25.84 -25.55
N TYR D 100 10.87 24.89 -26.11
CA TYR D 100 11.32 24.05 -27.22
C TYR D 100 12.14 24.74 -28.33
N ILE D 101 11.58 24.78 -29.54
CA ILE D 101 12.24 25.40 -30.70
C ILE D 101 11.52 25.08 -32.00
N GLY D 102 10.47 24.25 -31.91
CA GLY D 102 9.69 23.91 -33.07
C GLY D 102 8.35 24.66 -33.06
N GLY D 103 8.28 25.78 -32.34
CA GLY D 103 7.05 26.57 -32.28
C GLY D 103 6.77 27.35 -33.57
N MET D 104 5.64 28.05 -33.63
CA MET D 104 5.29 28.83 -34.85
C MET D 104 6.09 30.13 -34.93
N PHE D 105 6.40 30.70 -33.77
CA PHE D 105 7.16 31.95 -33.72
C PHE D 105 8.42 31.76 -32.88
N GLY D 106 8.90 30.52 -32.86
CA GLY D 106 10.11 30.17 -32.14
C GLY D 106 10.07 29.44 -30.81
N ALA D 107 11.18 29.64 -30.13
CA ALA D 107 11.46 29.06 -28.84
C ALA D 107 11.04 30.04 -27.75
N GLY D 108 9.74 30.23 -27.61
CA GLY D 108 9.20 31.13 -26.62
C GLY D 108 8.19 30.40 -25.77
N ILE D 109 7.51 31.14 -24.90
CA ILE D 109 6.49 30.59 -24.06
C ILE D 109 5.22 31.17 -24.62
N TYR D 110 4.29 30.29 -24.97
CA TYR D 110 3.05 30.72 -25.59
C TYR D 110 1.84 30.97 -24.73
N PHE D 111 0.98 31.86 -25.21
CA PHE D 111 -0.25 32.22 -24.53
C PHE D 111 -1.35 32.51 -25.54
N ALA D 112 -2.58 32.41 -25.09
CA ALA D 112 -3.72 32.66 -25.97
C ALA D 112 -4.77 33.47 -25.23
N GLU D 113 -5.56 34.22 -25.98
CA GLU D 113 -6.64 35.01 -25.41
C GLU D 113 -7.88 34.14 -25.41
N ASN D 114 -7.79 32.98 -26.06
CA ASN D 114 -8.90 32.03 -26.14
C ASN D 114 -8.57 30.74 -25.40
N SER D 115 -9.35 30.43 -24.37
CA SER D 115 -9.11 29.25 -23.59
C SER D 115 -9.10 27.98 -24.44
N SER D 116 -9.96 27.89 -25.46
CA SER D 116 -10.01 26.70 -26.29
C SER D 116 -8.72 26.42 -27.07
N LYS D 117 -7.92 27.47 -27.30
CA LYS D 117 -6.67 27.30 -28.02
C LYS D 117 -5.63 26.68 -27.09
N SER D 118 -5.54 27.19 -25.87
CA SER D 118 -4.59 26.64 -24.90
C SER D 118 -4.94 25.19 -24.54
N ASN D 119 -6.22 24.85 -24.61
CA ASN D 119 -6.67 23.50 -24.30
C ASN D 119 -6.13 22.50 -25.30
N GLN D 120 -5.80 22.96 -26.49
CA GLN D 120 -5.28 22.10 -27.55
C GLN D 120 -3.90 21.57 -27.19
N TYR D 121 -3.28 22.22 -26.22
CA TYR D 121 -1.94 21.87 -25.83
C TYR D 121 -1.79 21.26 -24.47
N VAL D 122 -2.88 21.14 -23.73
CA VAL D 122 -2.83 20.55 -22.40
C VAL D 122 -2.09 19.19 -22.36
N TYR D 123 -2.10 18.47 -23.49
CA TYR D 123 -1.43 17.16 -23.58
C TYR D 123 -0.26 17.14 -24.59
N GLY D 124 0.16 18.32 -25.06
CA GLY D 124 1.26 18.37 -26.01
C GLY D 124 0.90 19.02 -27.34
N ILE D 125 1.87 19.05 -28.25
CA ILE D 125 1.70 19.61 -29.59
C ILE D 125 0.64 18.87 -30.37
N GLY D 126 -0.34 19.60 -30.93
CA GLY D 126 -1.39 18.98 -31.71
C GLY D 126 -2.37 18.28 -30.77
N GLY D 127 -1.90 18.02 -29.57
CA GLY D 127 -2.70 17.34 -28.58
C GLY D 127 -2.02 16.07 -28.15
N GLY D 128 -0.76 15.93 -28.54
CA GLY D 128 -0.04 14.72 -28.21
C GLY D 128 -0.96 13.62 -28.69
N THR D 129 -0.98 12.53 -27.94
CA THR D 129 -1.85 11.43 -28.28
C THR D 129 -2.99 11.61 -27.26
N GLY D 130 -3.45 12.84 -27.10
CA GLY D 130 -4.53 13.13 -26.15
C GLY D 130 -4.32 12.55 -24.74
N CYS D 131 -5.41 12.19 -24.06
CA CYS D 131 -5.32 11.62 -22.71
C CYS D 131 -4.29 10.49 -22.63
N PRO D 132 -3.49 10.42 -21.55
CA PRO D 132 -2.46 9.38 -21.35
C PRO D 132 -3.17 8.05 -21.33
N THR D 133 -4.26 8.04 -20.57
CA THR D 133 -5.09 6.86 -20.37
C THR D 133 -5.99 6.33 -21.51
N HIS D 134 -6.48 7.16 -22.43
CA HIS D 134 -7.29 6.58 -23.51
C HIS D 134 -6.82 7.08 -24.86
N LYS D 135 -5.71 7.83 -24.88
CA LYS D 135 -5.19 8.36 -26.14
C LYS D 135 -6.28 9.09 -26.91
N ASP D 136 -7.19 9.77 -26.22
CA ASP D 136 -8.30 10.48 -26.87
C ASP D 136 -8.19 12.01 -26.70
N ARG D 137 -8.22 12.72 -27.80
CA ARG D 137 -8.18 14.17 -27.76
C ARG D 137 -9.71 14.36 -27.77
N SER D 138 -10.29 14.45 -26.59
CA SER D 138 -11.74 14.58 -26.44
C SER D 138 -12.18 13.72 -25.29
N CYS D 139 -11.25 13.37 -24.41
CA CYS D 139 -11.69 12.62 -23.25
C CYS D 139 -12.62 13.56 -22.51
N TYR D 140 -13.76 13.06 -22.05
CA TYR D 140 -14.67 13.95 -21.31
C TYR D 140 -14.63 13.69 -19.82
N ILE D 141 -13.69 12.83 -19.41
CA ILE D 141 -13.55 12.51 -18.00
C ILE D 141 -12.21 12.96 -17.44
N CYS D 142 -11.15 12.65 -18.17
CA CYS D 142 -9.80 13.01 -17.77
C CYS D 142 -9.72 14.48 -17.44
N HIS D 143 -9.40 14.79 -16.19
CA HIS D 143 -9.31 16.17 -15.76
C HIS D 143 -8.15 16.86 -16.45
N ARG D 144 -8.36 18.12 -16.80
CA ARG D 144 -7.32 18.88 -17.48
C ARG D 144 -7.00 20.10 -16.62
N GLN D 145 -5.85 20.70 -16.87
CA GLN D 145 -5.45 21.89 -16.14
C GLN D 145 -4.88 22.88 -17.14
N MET D 146 -5.01 24.16 -16.82
CA MET D 146 -4.46 25.21 -17.64
C MET D 146 -4.32 26.41 -16.74
N LEU D 147 -3.63 27.45 -17.21
CA LEU D 147 -3.41 28.63 -16.41
C LEU D 147 -3.96 29.92 -17.01
N PHE D 148 -4.27 30.86 -16.14
CA PHE D 148 -4.75 32.16 -16.55
C PHE D 148 -3.66 33.03 -15.96
N CYS D 149 -2.86 33.65 -16.82
CA CYS D 149 -1.73 34.41 -16.33
C CYS D 149 -1.63 35.89 -16.62
N ARG D 150 -0.89 36.59 -15.75
CA ARG D 150 -0.64 38.01 -15.94
C ARG D 150 0.59 37.95 -16.85
N VAL D 151 0.48 38.45 -18.08
CA VAL D 151 1.58 38.44 -19.02
C VAL D 151 2.00 39.84 -19.46
N THR D 152 3.24 40.22 -19.15
CA THR D 152 3.78 41.51 -19.54
C THR D 152 4.17 41.42 -21.00
N LEU D 153 3.49 42.19 -21.83
CA LEU D 153 3.75 42.20 -23.27
C LEU D 153 4.59 43.40 -23.72
N GLY D 154 4.45 44.52 -23.02
CA GLY D 154 5.20 45.70 -23.40
C GLY D 154 4.92 45.99 -24.87
N LYS D 155 5.95 46.35 -25.62
CA LYS D 155 5.76 46.62 -27.02
C LYS D 155 5.74 45.26 -27.74
N SER D 156 4.68 45.03 -28.49
CA SER D 156 4.50 43.76 -29.20
C SER D 156 4.83 43.85 -30.68
N PHE D 157 5.53 42.84 -31.18
CA PHE D 157 5.86 42.81 -32.58
C PHE D 157 4.85 41.90 -33.25
N LEU D 158 4.09 42.46 -34.17
CA LEU D 158 3.08 41.71 -34.90
C LEU D 158 3.63 41.02 -36.13
N GLN D 159 3.21 39.78 -36.35
CA GLN D 159 3.61 39.07 -37.54
C GLN D 159 2.55 38.05 -37.89
N PHE D 160 2.53 37.66 -39.16
CA PHE D 160 1.48 36.80 -39.66
C PHE D 160 1.93 35.44 -40.07
N SER D 161 3.15 35.34 -40.54
CA SER D 161 3.71 34.06 -40.90
C SER D 161 4.67 33.58 -39.82
N THR D 162 4.95 32.29 -39.94
CA THR D 162 5.81 31.49 -39.08
C THR D 162 7.31 31.73 -39.32
N MET D 163 7.82 32.77 -38.66
CA MET D 163 9.25 33.14 -38.71
C MET D 163 9.73 32.45 -37.44
N LYS D 164 10.81 31.66 -37.49
CA LYS D 164 11.28 30.99 -36.28
C LYS D 164 12.23 31.91 -35.55
N MET D 165 11.95 32.24 -34.29
CA MET D 165 12.78 33.19 -33.53
C MET D 165 13.31 32.61 -32.23
N ALA D 166 14.38 33.21 -31.72
CA ALA D 166 15.02 32.77 -30.47
C ALA D 166 14.87 33.86 -29.39
N HIS D 167 14.61 35.10 -29.80
CA HIS D 167 14.35 36.16 -28.84
C HIS D 167 13.33 37.01 -29.56
N ALA D 168 12.86 38.05 -28.88
CA ALA D 168 11.89 38.96 -29.45
C ALA D 168 12.68 39.92 -30.32
N PRO D 169 12.07 40.49 -31.36
CA PRO D 169 12.82 41.42 -32.21
C PRO D 169 13.34 42.63 -31.47
N PRO D 170 14.34 43.31 -32.03
CA PRO D 170 14.89 44.49 -31.35
C PRO D 170 13.79 45.48 -31.05
N GLY D 171 13.91 46.15 -29.90
CA GLY D 171 12.95 47.16 -29.53
C GLY D 171 11.59 46.66 -29.11
N HIS D 172 11.40 45.34 -29.06
CA HIS D 172 10.12 44.77 -28.64
C HIS D 172 10.27 43.80 -27.44
N HIS D 173 9.15 43.43 -26.84
CA HIS D 173 9.20 42.54 -25.68
C HIS D 173 8.29 41.32 -25.87
N SER D 174 7.59 41.29 -26.99
CA SER D 174 6.68 40.19 -27.23
C SER D 174 6.27 40.11 -28.69
N VAL D 175 5.85 38.92 -29.09
CA VAL D 175 5.40 38.69 -30.45
C VAL D 175 3.93 38.30 -30.39
N ILE D 176 3.20 38.64 -31.44
CA ILE D 176 1.78 38.31 -31.52
C ILE D 176 1.51 37.84 -32.92
N GLY D 177 1.29 36.53 -33.06
CA GLY D 177 0.99 35.99 -34.37
C GLY D 177 -0.52 36.07 -34.57
N ARG D 178 -0.93 36.79 -35.60
CA ARG D 178 -2.34 36.95 -35.89
C ARG D 178 -2.79 36.11 -37.09
N PRO D 179 -4.10 36.05 -37.34
CA PRO D 179 -4.70 35.29 -38.46
C PRO D 179 -4.12 35.56 -39.88
N LEU D 184 -3.47 32.12 -39.47
CA LEU D 184 -3.74 31.65 -38.12
C LEU D 184 -5.23 31.71 -37.77
N ALA D 185 -5.72 30.70 -37.04
CA ALA D 185 -7.12 30.67 -36.62
C ALA D 185 -7.17 31.57 -35.36
N TYR D 186 -6.27 31.32 -34.39
CA TYR D 186 -6.24 32.13 -33.16
C TYR D 186 -5.09 33.12 -33.06
N ALA D 187 -5.24 34.07 -32.12
CA ALA D 187 -4.20 35.03 -31.79
C ALA D 187 -3.31 34.24 -30.85
N GLU D 188 -1.99 34.40 -30.92
CA GLU D 188 -1.18 33.68 -29.96
C GLU D 188 -0.09 34.62 -29.53
N TYR D 189 0.06 34.74 -28.22
CA TYR D 189 1.02 35.63 -27.63
C TYR D 189 2.31 34.94 -27.20
N VAL D 190 3.45 35.43 -27.69
CA VAL D 190 4.69 34.81 -27.31
C VAL D 190 5.65 35.75 -26.59
N ILE D 191 6.33 35.21 -25.59
CA ILE D 191 7.32 35.95 -24.83
C ILE D 191 8.54 35.05 -24.84
N TYR D 192 9.71 35.60 -24.59
CA TYR D 192 10.93 34.80 -24.61
C TYR D 192 11.67 34.93 -23.30
N ARG D 193 10.93 35.34 -22.28
CA ARG D 193 11.42 35.52 -20.93
C ARG D 193 10.39 35.05 -19.90
N GLY D 194 10.76 34.03 -19.14
CA GLY D 194 9.88 33.49 -18.13
C GLY D 194 9.37 34.54 -17.14
N GLU D 195 10.19 35.55 -16.88
CA GLU D 195 9.84 36.61 -15.92
C GLU D 195 8.75 37.58 -16.42
N GLN D 196 8.31 37.43 -17.66
CA GLN D 196 7.28 38.29 -18.21
C GLN D 196 5.89 37.69 -18.06
N ALA D 197 5.78 36.61 -17.30
CA ALA D 197 4.50 35.96 -17.09
C ALA D 197 4.46 35.43 -15.66
N TYR D 198 3.26 35.46 -15.09
CA TYR D 198 3.04 34.98 -13.73
C TYR D 198 1.75 34.15 -13.72
N PRO D 199 1.85 32.86 -13.40
CA PRO D 199 0.67 32.00 -13.37
C PRO D 199 -0.25 32.31 -12.17
N GLU D 200 -1.17 33.25 -12.38
CA GLU D 200 -2.12 33.68 -11.36
C GLU D 200 -3.10 32.63 -10.90
N TYR D 201 -3.80 32.03 -11.84
CA TYR D 201 -4.81 31.04 -11.52
C TYR D 201 -4.56 29.67 -12.12
N LEU D 202 -4.84 28.63 -11.32
CA LEU D 202 -4.70 27.26 -11.77
C LEU D 202 -6.10 26.71 -11.90
N ILE D 203 -6.49 26.34 -13.12
CA ILE D 203 -7.82 25.83 -13.36
C ILE D 203 -7.85 24.34 -13.68
N THR D 204 -8.69 23.62 -12.94
CA THR D 204 -8.88 22.18 -13.09
C THR D 204 -10.26 22.02 -13.73
N TYR D 205 -10.35 21.28 -14.83
CA TYR D 205 -11.61 21.15 -15.54
C TYR D 205 -11.75 19.95 -16.47
N GLN D 206 -12.92 19.82 -17.07
CA GLN D 206 -13.21 18.75 -18.03
C GLN D 206 -13.86 19.39 -19.25
N ILE D 207 -13.67 18.81 -20.43
CA ILE D 207 -14.33 19.38 -21.59
C ILE D 207 -15.68 18.68 -21.62
N MET D 208 -16.76 19.43 -21.81
CA MET D 208 -18.10 18.84 -21.84
C MET D 208 -18.64 18.45 -23.21
N LYS D 209 -19.27 17.30 -23.24
CA LYS D 209 -19.89 16.70 -24.42
C LYS D 209 -21.02 17.63 -24.86
N PRO D 210 -21.07 17.99 -26.15
CA PRO D 210 -22.14 18.87 -26.65
C PRO D 210 -23.47 18.13 -26.70
N GLU D 211 -24.46 18.63 -25.95
CA GLU D 211 -25.78 17.99 -25.92
C GLU D 211 -26.60 18.32 -27.16
ZN ZN E . 13.55 -1.51 13.48
N1 1DY F . 32.59 2.29 9.65
C1 1DY F . 33.24 1.23 10.14
O1 1DY F . 32.95 0.10 9.77
C2 1DY F . 34.25 1.54 11.11
C3 1DY F . 35.00 0.47 11.68
C4 1DY F . 35.99 0.82 12.67
C5 1DY F . 36.22 2.17 13.06
C6 1DY F . 35.47 3.27 12.49
C7 1DY F . 34.48 2.91 11.50
N2 1DY F . 33.74 3.88 10.93
C8 1DY F . 32.81 3.58 10.02
C9 1DY F . 31.99 4.68 9.38
C10 1DY F . 32.98 5.70 8.84
C11 1DY F . 33.27 5.54 7.36
O2 1DY F . 34.25 4.90 6.99
N3 1DY F . 32.36 6.15 6.52
C12 1DY F . 32.23 6.01 5.17
C13 1DY F . 30.97 6.43 4.62
C14 1DY F . 30.79 6.30 3.18
C15 1DY F . 33.29 5.46 4.36
C16 1DY F . 33.14 5.32 2.96
C17 1DY F . 31.89 5.74 2.40
C18 1DY F . 31.81 5.64 0.94
O3 1DY F . 32.61 5.00 0.27
N4 1DY F . 30.80 6.32 0.34
C19 1DY F . 30.35 6.25 -0.97
C20 1DY F . 30.99 5.53 -2.04
C21 1DY F . 30.39 5.56 -3.36
C22 1DY F . 29.17 6.29 -3.64
C23 1DY F . 28.52 7.01 -2.58
C24 1DY F . 29.15 6.97 -1.25
O4 1DY F . 28.78 7.57 -0.07
C25 1DY F . 27.87 8.66 -0.08
ZN ZN G . 10.34 -13.96 21.11
N1 1DY H . -8.05 -21.33 19.67
C1 1DY H . -8.62 -20.61 18.71
O1 1DY H . -8.06 -20.54 17.61
C2 1DY H . -9.82 -19.88 19.11
C3 1DY H . -10.58 -19.11 18.17
C4 1DY H . -11.77 -18.49 18.70
C5 1DY H . -12.17 -18.66 20.09
C6 1DY H . -11.43 -19.43 21.02
C7 1DY H . -10.26 -20.07 20.50
N2 1DY H . -9.54 -20.82 21.32
C8 1DY H . -8.47 -21.49 20.93
C9 1DY H . -7.73 -22.40 21.87
C10 1DY H . -8.68 -23.39 22.53
C11 1DY H . -8.65 -24.75 21.83
O2 1DY H . -9.38 -24.96 20.88
N3 1DY H . -7.78 -25.69 22.33
C12 1DY H . -7.37 -26.88 21.82
C13 1DY H . -6.18 -27.40 22.42
C14 1DY H . -5.66 -28.66 21.92
C15 1DY H . -8.07 -27.55 20.73
C16 1DY H . -7.55 -28.79 20.22
C17 1DY H . -6.37 -29.32 20.83
C18 1DY H . -5.92 -30.60 20.31
O3 1DY H . -6.51 -31.18 19.41
N4 1DY H . -4.82 -31.15 20.93
C19 1DY H . -4.10 -32.27 20.58
C20 1DY H . -4.44 -33.10 19.45
C21 1DY H . -3.64 -34.29 19.17
C22 1DY H . -2.55 -34.63 20.02
C23 1DY H . -2.19 -33.81 21.16
C24 1DY H . -2.98 -32.62 21.41
O4 1DY H . -2.82 -31.67 22.43
C25 1DY H . -1.92 -31.92 23.50
ZN ZN I . -14.48 4.25 -17.68
N1 1DY J . -25.60 -6.95 -6.00
C1 1DY J . -24.78 -7.30 -5.00
O1 1DY J . -24.21 -6.54 -4.23
C2 1DY J . -24.54 -8.70 -4.90
C3 1DY J . -23.73 -9.16 -3.81
C4 1DY J . -23.50 -10.55 -3.70
C5 1DY J . -24.06 -11.49 -4.66
C6 1DY J . -24.89 -11.02 -5.75
C7 1DY J . -25.13 -9.61 -5.85
N2 1DY J . -25.93 -9.10 -6.82
C8 1DY J . -26.17 -7.79 -6.91
C9 1DY J . -27.14 -7.36 -8.02
C10 1DY J . -28.48 -8.05 -7.84
C11 1DY J . -29.41 -7.24 -6.96
O2 1DY J . -29.43 -7.44 -5.75
N3 1DY J . -30.17 -6.31 -7.64
C12 1DY J . -31.05 -5.38 -7.22
C13 1DY J . -31.49 -4.43 -8.21
C14 1DY J . -32.39 -3.37 -7.79
C15 1DY J . -31.47 -5.35 -5.84
C16 1DY J . -32.36 -4.30 -5.43
C17 1DY J . -32.81 -3.33 -6.38
C18 1DY J . -33.70 -2.25 -5.84
O3 1DY J . -33.96 -2.14 -4.63
N4 1DY J . -34.20 -1.38 -6.77
C19 1DY J . -35.00 -0.28 -6.63
C20 1DY J . -35.37 0.24 -5.33
C21 1DY J . -36.24 1.38 -5.28
C22 1DY J . -36.74 2.01 -6.46
C23 1DY J . -36.39 1.52 -7.76
C24 1DY J . -35.51 0.36 -7.82
O4 1DY J . -35.08 -0.22 -8.99
C25 1DY J . -35.06 0.53 -10.21
ZN ZN K . -9.15 9.93 -21.37
N1 1DY L . 0.51 26.61 -25.04
C1 1DY L . -0.44 27.58 -25.18
O1 1DY L . -1.16 27.89 -24.23
C2 1DY L . -0.50 28.12 -26.58
C3 1DY L . -1.37 29.21 -26.87
C4 1DY L . -1.35 29.78 -28.20
C5 1DY L . -0.48 29.23 -29.23
C6 1DY L . 0.40 28.11 -28.96
C7 1DY L . 0.38 27.58 -27.61
N2 1DY L . 1.26 26.60 -27.28
C8 1DY L . 1.35 26.13 -26.04
C9 1DY L . 2.48 25.12 -25.82
C10 1DY L . 3.89 25.67 -25.98
C11 1DY L . 4.53 26.28 -24.72
O2 1DY L . 4.33 27.46 -24.43
N3 1DY L . 5.29 25.47 -24.00
C12 1DY L . 5.89 25.63 -22.80
C13 1DY L . 6.48 24.43 -22.28
C14 1DY L . 7.18 24.50 -21.01
C15 1DY L . 5.96 26.92 -22.11
C16 1DY L . 6.66 26.98 -20.84
C17 1DY L . 7.25 25.78 -20.32
C18 1DY L . 7.94 25.91 -19.04
O3 1DY L . 8.01 27.01 -18.48
N4 1DY L . 8.51 24.77 -18.50
C19 1DY L . 9.10 24.59 -17.28
C20 1DY L . 9.23 25.64 -16.30
C21 1DY L . 9.90 25.36 -15.07
C22 1DY L . 10.43 24.06 -14.79
C23 1DY L . 10.32 23.00 -15.74
C24 1DY L . 9.65 23.29 -16.98
O4 1DY L . 9.47 22.34 -17.99
C25 1DY L . 9.94 20.99 -17.86
#